data_8WEI
#
_entry.id   8WEI
#
_cell.length_a   155.895
_cell.length_b   155.895
_cell.length_c   126.651
_cell.angle_alpha   90.00
_cell.angle_beta   90.00
_cell.angle_gamma   120.00
#
_symmetry.space_group_name_H-M   'P 31 2 1'
#
loop_
_entity.id
_entity.type
_entity.pdbx_description
1 polymer 'MALE DISCOVERER 1-INTERACTING RECEPTOR-LIKE KINASE 2'
2 branched 2-acetamido-2-deoxy-beta-D-glucopyranose-(1-4)-2-acetamido-2-deoxy-beta-D-glucopyranose
3 branched beta-D-mannopyranose-(1-4)-2-acetamido-2-deoxy-beta-D-glucopyranose-(1-4)-[alpha-L-fucopyranose-(1-6)]2-acetamido-2-deoxy-beta-D-glucopyranose
4 branched beta-D-mannopyranose-(1-4)-2-acetamido-2-deoxy-beta-D-glucopyranose-(1-4)-2-acetamido-2-deoxy-beta-D-glucopyranose
5 branched 2-acetamido-2-deoxy-beta-D-glucopyranose-(1-4)-[alpha-L-fucopyranose-(1-6)]2-acetamido-2-deoxy-beta-D-glucopyranose
6 non-polymer 2-acetamido-2-deoxy-beta-D-glucopyranose
7 water water
#
_entity_poly.entity_id   1
_entity_poly.type   'polypeptide(L)'
_entity_poly.pdbx_seq_one_letter_code
;MACKDKPRGDDLHFLLIIFTILSCSLTASATVSEANALLKWKSTFTNQTSSSKLSSWVNPNTSFCRSWYGVSCVRNSIIR
LNLTNTDIEGTFQDFPFSALPNLSYVDLSMNRFSGTIPPQFGDFSKLIYFDLSINQLVGEIPSELGKLSNLETLHLVENK
LNGSIPSEIGRLTKLHEIALYDNLLTGPIPSSFGNLTNLANLYLFINSLSGPIPPELGNLSSLAELCLDRNKLTGQIPSS
FGKLKNVTLLNMFENNLTGEIPPEIGDMSALDTLSLHTNNLTGSIPSSLGNLKNLAILHLYLNKLTGSIPEELGDMETMI
DLEISENKLTGPVPGSFGKLTKLEWLFLRDNHLSGPIPPGIANSSVLTVLQLDTNNFTGVLPETICRSGKLEDLTLDDNL
LSGPIPISLTNCKSLIRARFKGNSFSGDISESFGEYPNLNFIDLSNNKFRGQISPKWEKSRKLVAFIATDNNITGPIPPE
IWNMTQLNQLDLSSNNISGELPETISKLTRVSKLQLNGNQLSGRIPSGIRSLANLEYLDLSSNRFSFQIPATLDSLPRLY
YMNLSRNDLDQNIPMGLTKLSQLQTLDLSHNNLDGEIPSQFTSLQNLEKLYLQHNNLSGPIPSSFSEMKSLTHVDVSHNN
LEGPIPDNAAFKNARPDALEGNRDLCGSNTTQGLKPCEITPSGKKKSNKDEFHHHHHHHHHH
;
_entity_poly.pdbx_strand_id   A
#
loop_
_chem_comp.id
_chem_comp.type
_chem_comp.name
_chem_comp.formula
BMA D-saccharide, beta linking beta-D-mannopyranose 'C6 H12 O6'
FUC L-saccharide, alpha linking alpha-L-fucopyranose 'C6 H12 O5'
NAG D-saccharide, beta linking 2-acetamido-2-deoxy-beta-D-glucopyranose 'C8 H15 N O6'
#
# COMPACT_ATOMS: atom_id res chain seq x y z
N THR A 31 -21.26 34.95 -40.39
CA THR A 31 -22.13 34.52 -39.30
C THR A 31 -23.21 33.55 -39.74
N VAL A 32 -24.02 33.93 -40.74
CA VAL A 32 -24.98 32.98 -41.28
C VAL A 32 -24.24 31.82 -41.93
N SER A 33 -23.11 32.10 -42.57
CA SER A 33 -22.26 31.02 -43.05
C SER A 33 -21.66 30.23 -41.88
N GLU A 34 -21.26 30.93 -40.81
CA GLU A 34 -20.76 30.23 -39.63
C GLU A 34 -21.83 29.36 -39.01
N ALA A 35 -23.05 29.87 -38.91
CA ALA A 35 -24.14 29.09 -38.31
C ALA A 35 -24.49 27.89 -39.18
N ASN A 36 -24.54 28.08 -40.51
CA ASN A 36 -24.82 26.96 -41.40
C ASN A 36 -23.73 25.91 -41.28
N ALA A 37 -22.46 26.34 -41.24
CA ALA A 37 -21.35 25.40 -41.19
C ALA A 37 -21.38 24.57 -39.91
N LEU A 38 -21.72 25.21 -38.78
CA LEU A 38 -21.80 24.47 -37.54
C LEU A 38 -23.01 23.53 -37.53
N LEU A 39 -24.09 23.91 -38.22
CA LEU A 39 -25.26 23.04 -38.32
C LEU A 39 -24.94 21.78 -39.09
N LYS A 40 -24.20 21.90 -40.20
CA LYS A 40 -23.82 20.74 -40.97
C LYS A 40 -22.93 19.81 -40.15
N TRP A 41 -22.01 20.37 -39.36
CA TRP A 41 -21.21 19.56 -38.44
C TRP A 41 -22.09 18.91 -37.38
N LYS A 42 -23.05 19.67 -36.84
CA LYS A 42 -23.95 19.10 -35.84
C LYS A 42 -24.78 17.95 -36.39
N SER A 43 -25.08 17.99 -37.69
CA SER A 43 -25.89 16.95 -38.31
C SER A 43 -25.14 15.63 -38.44
N THR A 44 -23.83 15.62 -38.17
CA THR A 44 -23.06 14.38 -38.20
C THR A 44 -22.93 13.73 -36.84
N PHE A 45 -23.37 14.41 -35.78
CA PHE A 45 -23.32 13.84 -34.44
C PHE A 45 -24.24 12.63 -34.35
N THR A 46 -23.83 11.64 -33.56
CA THR A 46 -24.56 10.39 -33.42
C THR A 46 -25.00 10.20 -31.98
N ASN A 47 -26.00 9.34 -31.80
CA ASN A 47 -26.55 8.99 -30.48
C ASN A 47 -27.00 10.23 -29.73
N GLN A 48 -27.61 11.18 -30.44
CA GLN A 48 -28.06 12.43 -29.85
C GLN A 48 -29.50 12.31 -29.36
N THR A 49 -29.87 13.26 -28.51
CA THR A 49 -31.16 13.25 -27.84
C THR A 49 -31.83 14.60 -28.03
N SER A 50 -33.17 14.58 -28.13
CA SER A 50 -33.93 15.82 -28.27
C SER A 50 -33.69 16.76 -27.09
N SER A 51 -33.35 16.22 -25.91
CA SER A 51 -33.04 17.03 -24.75
C SER A 51 -31.61 17.58 -24.76
N SER A 52 -30.87 17.38 -25.85
CA SER A 52 -29.52 17.95 -25.95
C SER A 52 -29.56 19.47 -25.87
N LYS A 53 -28.53 20.04 -25.26
CA LYS A 53 -28.45 21.50 -25.15
C LYS A 53 -28.24 22.16 -26.50
N LEU A 54 -27.92 21.40 -27.54
CA LEU A 54 -27.76 21.94 -28.88
C LEU A 54 -29.08 22.14 -29.59
N SER A 55 -30.21 21.93 -28.90
CA SER A 55 -31.50 22.21 -29.50
C SER A 55 -31.66 23.68 -29.85
N SER A 56 -30.93 24.56 -29.16
CA SER A 56 -30.99 25.99 -29.41
C SER A 56 -30.40 26.39 -30.74
N TRP A 57 -29.70 25.49 -31.44
CA TRP A 57 -29.10 25.79 -32.73
C TRP A 57 -30.19 25.76 -33.81
N VAL A 58 -31.05 26.78 -33.77
CA VAL A 58 -32.14 26.94 -34.70
C VAL A 58 -32.15 28.38 -35.18
N ASN A 59 -32.79 28.59 -36.34
CA ASN A 59 -32.90 29.91 -36.97
C ASN A 59 -31.52 30.52 -37.19
N PRO A 60 -30.70 29.95 -38.08
CA PRO A 60 -29.33 30.45 -38.24
C PRO A 60 -29.28 31.90 -38.71
N ASN A 61 -30.31 32.36 -39.43
CA ASN A 61 -30.25 33.70 -40.02
C ASN A 61 -30.51 34.81 -39.02
N THR A 62 -31.02 34.50 -37.82
CA THR A 62 -31.38 35.56 -36.89
C THR A 62 -30.77 35.42 -35.50
N SER A 63 -30.59 34.19 -35.00
CA SER A 63 -30.29 33.99 -33.58
C SER A 63 -28.93 33.35 -33.32
N PHE A 64 -28.03 33.30 -34.31
CA PHE A 64 -26.78 32.58 -34.13
C PHE A 64 -25.95 33.17 -32.99
N CYS A 65 -25.96 34.49 -32.86
CA CYS A 65 -25.13 35.17 -31.87
C CYS A 65 -25.91 35.56 -30.62
N ARG A 66 -27.17 35.17 -30.51
CA ARG A 66 -27.98 35.57 -29.37
C ARG A 66 -28.51 34.40 -28.56
N SER A 67 -28.89 33.29 -29.20
CA SER A 67 -29.58 32.20 -28.53
C SER A 67 -28.85 30.87 -28.56
N TRP A 68 -27.85 30.70 -29.42
CA TRP A 68 -27.24 29.39 -29.61
C TRP A 68 -26.36 29.05 -28.42
N TYR A 69 -26.62 27.89 -27.82
CA TYR A 69 -25.85 27.46 -26.66
C TYR A 69 -24.39 27.26 -27.02
N GLY A 70 -23.51 27.77 -26.16
CA GLY A 70 -22.09 27.60 -26.34
C GLY A 70 -21.45 28.54 -27.36
N VAL A 71 -22.24 29.37 -28.02
CA VAL A 71 -21.77 30.26 -29.08
C VAL A 71 -21.81 31.69 -28.57
N SER A 72 -20.72 32.42 -28.77
CA SER A 72 -20.65 33.83 -28.45
C SER A 72 -19.85 34.56 -29.53
N CYS A 73 -20.26 35.78 -29.85
CA CYS A 73 -19.71 36.50 -30.99
C CYS A 73 -19.16 37.86 -30.59
N VAL A 74 -18.36 38.42 -31.48
CA VAL A 74 -17.97 39.82 -31.48
C VAL A 74 -18.20 40.36 -32.88
N ARG A 75 -18.88 41.49 -32.98
CA ARG A 75 -19.21 42.09 -34.28
C ARG A 75 -19.86 41.05 -35.19
N ASN A 76 -20.74 40.24 -34.60
CA ASN A 76 -21.50 39.22 -35.32
C ASN A 76 -20.60 38.20 -36.01
N SER A 77 -19.68 37.61 -35.24
CA SER A 77 -18.83 36.54 -35.74
C SER A 77 -18.39 35.71 -34.55
N ILE A 78 -18.57 34.39 -34.64
CA ILE A 78 -18.29 33.52 -33.51
C ILE A 78 -16.81 33.59 -33.16
N ILE A 79 -16.54 33.86 -31.88
CA ILE A 79 -15.19 33.84 -31.34
C ILE A 79 -15.04 32.86 -30.19
N ARG A 80 -16.12 32.26 -29.72
CA ARG A 80 -16.12 31.42 -28.52
C ARG A 80 -17.07 30.25 -28.74
N LEU A 81 -16.52 29.05 -28.87
CA LEU A 81 -17.30 27.83 -28.99
C LEU A 81 -17.06 27.01 -27.72
N ASN A 82 -18.02 27.03 -26.82
CA ASN A 82 -17.91 26.36 -25.52
C ASN A 82 -19.00 25.30 -25.43
N LEU A 83 -18.68 24.08 -25.85
CA LEU A 83 -19.64 22.97 -25.84
C LEU A 83 -19.26 21.91 -24.81
N THR A 84 -18.59 22.31 -23.73
CA THR A 84 -18.10 21.34 -22.77
C THR A 84 -19.26 20.63 -22.06
N ASN A 85 -19.12 19.32 -21.91
CA ASN A 85 -20.10 18.49 -21.21
C ASN A 85 -21.50 18.65 -21.78
N THR A 86 -21.64 18.44 -23.09
CA THR A 86 -22.93 18.53 -23.75
C THR A 86 -23.32 17.22 -24.45
N ASP A 87 -22.72 16.10 -24.05
CA ASP A 87 -23.09 14.78 -24.55
C ASP A 87 -22.94 14.65 -26.05
N ILE A 88 -22.00 15.39 -26.65
CA ILE A 88 -21.77 15.32 -28.08
C ILE A 88 -20.95 14.09 -28.40
N GLU A 89 -21.46 13.26 -29.32
CA GLU A 89 -20.74 12.10 -29.83
C GLU A 89 -20.51 12.32 -31.32
N GLY A 90 -19.24 12.40 -31.72
CA GLY A 90 -18.92 12.67 -33.10
C GLY A 90 -17.42 12.72 -33.27
N THR A 91 -16.99 13.25 -34.42
CA THR A 91 -15.59 13.45 -34.73
C THR A 91 -15.36 14.88 -35.20
N PHE A 92 -14.09 15.19 -35.50
CA PHE A 92 -13.72 16.49 -36.03
C PHE A 92 -13.43 16.44 -37.52
N GLN A 93 -13.78 15.33 -38.18
CA GLN A 93 -13.50 15.22 -39.61
C GLN A 93 -14.25 16.28 -40.39
N ASP A 94 -15.51 16.52 -40.04
CA ASP A 94 -16.35 17.51 -40.72
C ASP A 94 -16.49 18.79 -39.92
N PHE A 95 -15.55 19.08 -39.04
CA PHE A 95 -15.55 20.36 -38.34
C PHE A 95 -15.30 21.48 -39.35
N PRO A 96 -16.07 22.55 -39.33
CA PRO A 96 -15.93 23.63 -40.32
C PRO A 96 -14.78 24.57 -40.03
N PHE A 97 -13.55 24.09 -40.25
CA PHE A 97 -12.38 24.89 -39.92
C PHE A 97 -12.35 26.19 -40.73
N SER A 98 -12.49 26.08 -42.04
CA SER A 98 -12.38 27.26 -42.89
C SER A 98 -13.48 28.28 -42.63
N ALA A 99 -14.62 27.86 -42.05
CA ALA A 99 -15.78 28.73 -41.91
C ALA A 99 -15.80 29.52 -40.61
N LEU A 100 -14.88 29.26 -39.68
CA LEU A 100 -14.85 29.94 -38.39
C LEU A 100 -13.48 30.57 -38.18
N PRO A 101 -13.12 31.57 -38.99
CA PRO A 101 -11.75 32.10 -38.93
C PRO A 101 -11.44 32.82 -37.64
N ASN A 102 -12.45 33.27 -36.89
CA ASN A 102 -12.24 34.16 -35.76
C ASN A 102 -12.34 33.46 -34.41
N LEU A 103 -12.29 32.13 -34.39
CA LEU A 103 -12.36 31.41 -33.13
C LEU A 103 -11.19 31.77 -32.23
N SER A 104 -11.48 32.26 -31.04
CA SER A 104 -10.43 32.52 -30.05
C SER A 104 -10.49 31.62 -28.83
N TYR A 105 -11.63 31.03 -28.53
CA TYR A 105 -11.79 30.13 -27.40
C TYR A 105 -12.56 28.90 -27.85
N VAL A 106 -11.96 27.73 -27.72
CA VAL A 106 -12.56 26.47 -28.11
C VAL A 106 -12.48 25.54 -26.92
N ASP A 107 -13.62 25.23 -26.31
CA ASP A 107 -13.70 24.23 -25.24
C ASP A 107 -14.73 23.19 -25.65
N LEU A 108 -14.25 22.04 -26.11
CA LEU A 108 -15.09 20.91 -26.46
C LEU A 108 -14.81 19.71 -25.54
N SER A 109 -14.50 19.99 -24.28
CA SER A 109 -14.04 18.95 -23.38
C SER A 109 -15.21 18.22 -22.73
N MET A 110 -14.91 17.05 -22.17
CA MET A 110 -15.89 16.18 -21.48
C MET A 110 -17.06 15.82 -22.40
N ASN A 111 -16.71 15.21 -23.53
CA ASN A 111 -17.66 14.78 -24.54
C ASN A 111 -17.26 13.39 -25.00
N ARG A 112 -17.87 12.93 -26.09
CA ARG A 112 -17.55 11.63 -26.66
C ARG A 112 -17.05 11.79 -28.09
N PHE A 113 -16.15 12.77 -28.28
CA PHE A 113 -15.48 12.93 -29.55
C PHE A 113 -14.44 11.84 -29.76
N SER A 114 -14.45 11.22 -30.93
CA SER A 114 -13.50 10.20 -31.31
C SER A 114 -12.73 10.67 -32.54
N GLY A 115 -11.80 9.84 -32.99
CA GLY A 115 -10.98 10.17 -34.13
C GLY A 115 -9.73 10.94 -33.74
N THR A 116 -9.14 11.59 -34.73
CA THR A 116 -7.89 12.30 -34.56
C THR A 116 -8.14 13.80 -34.48
N ILE A 117 -7.08 14.53 -34.18
CA ILE A 117 -7.10 15.99 -34.16
C ILE A 117 -6.59 16.47 -35.52
N PRO A 118 -7.46 16.99 -36.40
CA PRO A 118 -7.01 17.38 -37.73
C PRO A 118 -5.98 18.48 -37.67
N PRO A 119 -5.05 18.53 -38.63
CA PRO A 119 -4.06 19.61 -38.64
C PRO A 119 -4.67 20.98 -38.81
N GLN A 120 -5.90 21.07 -39.31
CA GLN A 120 -6.53 22.37 -39.54
C GLN A 120 -6.85 23.11 -38.26
N PHE A 121 -6.72 22.45 -37.10
CA PHE A 121 -6.89 23.18 -35.85
C PHE A 121 -5.81 24.23 -35.68
N GLY A 122 -4.66 24.07 -36.35
CA GLY A 122 -3.62 25.06 -36.35
C GLY A 122 -3.90 26.27 -37.20
N ASP A 123 -5.05 26.29 -37.89
CA ASP A 123 -5.41 27.40 -38.76
C ASP A 123 -6.18 28.50 -38.04
N PHE A 124 -6.58 28.31 -36.79
CA PHE A 124 -7.31 29.32 -36.02
C PHE A 124 -6.31 30.32 -35.45
N SER A 125 -5.93 31.31 -36.26
CA SER A 125 -4.80 32.17 -35.93
C SER A 125 -5.04 32.99 -34.67
N LYS A 126 -6.29 33.17 -34.26
CA LYS A 126 -6.63 33.96 -33.10
C LYS A 126 -6.86 33.11 -31.86
N LEU A 127 -6.59 31.81 -31.93
CA LEU A 127 -6.89 30.91 -30.82
C LEU A 127 -6.06 31.25 -29.60
N ILE A 128 -6.75 31.48 -28.48
CA ILE A 128 -6.09 31.74 -27.21
C ILE A 128 -6.25 30.57 -26.26
N TYR A 129 -7.43 29.99 -26.20
CA TYR A 129 -7.74 28.86 -25.33
C TYR A 129 -8.21 27.71 -26.19
N PHE A 130 -7.64 26.52 -25.96
CA PHE A 130 -7.92 25.34 -26.77
C PHE A 130 -7.99 24.14 -25.83
N ASP A 131 -9.18 23.55 -25.68
CA ASP A 131 -9.40 22.42 -24.77
C ASP A 131 -10.18 21.33 -25.48
N LEU A 132 -9.53 20.17 -25.68
CA LEU A 132 -10.20 18.96 -26.19
C LEU A 132 -10.13 17.82 -25.17
N SER A 133 -10.00 18.16 -23.89
CA SER A 133 -9.73 17.17 -22.86
C SER A 133 -10.95 16.28 -22.62
N ILE A 134 -10.68 15.14 -21.97
CA ILE A 134 -11.70 14.18 -21.53
C ILE A 134 -12.58 13.81 -22.71
N ASN A 135 -11.98 13.13 -23.69
CA ASN A 135 -12.68 12.67 -24.88
C ASN A 135 -12.12 11.29 -25.21
N GLN A 136 -12.42 10.80 -26.40
CA GLN A 136 -11.88 9.52 -26.85
C GLN A 136 -11.06 9.71 -28.11
N LEU A 137 -10.23 10.76 -28.12
CA LEU A 137 -9.40 11.08 -29.28
C LEU A 137 -8.17 10.18 -29.34
N VAL A 138 -7.73 9.89 -30.56
CA VAL A 138 -6.62 8.99 -30.82
C VAL A 138 -5.66 9.66 -31.79
N GLY A 139 -4.56 8.96 -32.11
CA GLY A 139 -3.59 9.49 -33.04
C GLY A 139 -2.64 10.47 -32.38
N GLU A 140 -1.76 11.03 -33.22
CA GLU A 140 -0.74 11.95 -32.73
C GLU A 140 -1.28 13.38 -32.68
N ILE A 141 -0.55 14.23 -31.98
CA ILE A 141 -0.87 15.66 -31.93
C ILE A 141 -0.31 16.29 -33.19
N PRO A 142 -1.12 16.94 -34.02
CA PRO A 142 -0.58 17.56 -35.25
C PRO A 142 0.42 18.64 -34.91
N SER A 143 1.55 18.63 -35.62
CA SER A 143 2.55 19.67 -35.39
C SER A 143 2.04 21.05 -35.78
N GLU A 144 0.94 21.14 -36.54
CA GLU A 144 0.36 22.41 -36.93
C GLU A 144 -0.17 23.22 -35.76
N LEU A 145 -0.28 22.63 -34.56
CA LEU A 145 -0.65 23.42 -33.40
C LEU A 145 0.40 24.49 -33.11
N GLY A 146 1.65 24.25 -33.52
CA GLY A 146 2.72 25.22 -33.42
C GLY A 146 2.52 26.47 -34.27
N LYS A 147 1.48 26.49 -35.10
CA LYS A 147 1.08 27.70 -35.82
C LYS A 147 0.23 28.64 -34.96
N LEU A 148 -0.28 28.18 -33.80
CA LEU A 148 -1.22 28.97 -33.00
C LEU A 148 -0.46 29.96 -32.12
N SER A 149 0.07 30.99 -32.78
CA SER A 149 1.00 31.90 -32.12
C SER A 149 0.37 32.66 -30.95
N ASN A 150 -0.96 32.74 -30.88
CA ASN A 150 -1.63 33.44 -29.81
C ASN A 150 -2.09 32.52 -28.69
N LEU A 151 -1.78 31.23 -28.76
CA LEU A 151 -2.29 30.28 -27.79
C LEU A 151 -1.64 30.48 -26.43
N GLU A 152 -2.47 30.56 -25.39
CA GLU A 152 -2.00 30.69 -24.02
C GLU A 152 -2.33 29.48 -23.14
N THR A 153 -3.30 28.65 -23.53
CA THR A 153 -3.64 27.44 -22.78
C THR A 153 -3.90 26.32 -23.76
N LEU A 154 -3.19 25.20 -23.60
CA LEU A 154 -3.38 23.99 -24.40
C LEU A 154 -3.76 22.86 -23.47
N HIS A 155 -4.99 22.37 -23.61
CA HIS A 155 -5.51 21.28 -22.78
C HIS A 155 -5.96 20.14 -23.67
N LEU A 156 -5.29 18.98 -23.54
CA LEU A 156 -5.65 17.80 -24.31
C LEU A 156 -5.63 16.54 -23.44
N VAL A 157 -5.94 16.67 -22.15
CA VAL A 157 -5.74 15.59 -21.21
C VAL A 157 -6.82 14.52 -21.36
N GLU A 158 -6.52 13.32 -20.84
CA GLU A 158 -7.48 12.22 -20.73
C GLU A 158 -8.04 11.82 -22.10
N ASN A 159 -7.14 11.57 -23.03
CA ASN A 159 -7.43 11.02 -24.35
C ASN A 159 -6.53 9.82 -24.57
N LYS A 160 -6.50 9.28 -25.77
CA LYS A 160 -5.56 8.21 -26.11
C LYS A 160 -4.52 8.67 -27.13
N LEU A 161 -4.06 9.93 -27.01
CA LEU A 161 -3.12 10.48 -27.96
C LEU A 161 -1.74 9.85 -27.80
N ASN A 162 -1.18 9.36 -28.91
CA ASN A 162 0.09 8.65 -28.91
C ASN A 162 1.11 9.40 -29.79
N GLY A 163 2.28 8.78 -29.97
CA GLY A 163 3.35 9.41 -30.70
C GLY A 163 4.08 10.46 -29.87
N SER A 164 5.03 11.12 -30.52
CA SER A 164 5.84 12.12 -29.85
C SER A 164 5.12 13.46 -29.79
N ILE A 165 5.42 14.25 -28.76
CA ILE A 165 4.92 15.62 -28.71
C ILE A 165 5.60 16.43 -29.79
N PRO A 166 4.87 17.16 -30.64
CA PRO A 166 5.53 17.93 -31.70
C PRO A 166 6.46 18.99 -31.10
N SER A 167 7.67 19.09 -31.69
CA SER A 167 8.62 20.11 -31.25
C SER A 167 8.15 21.52 -31.58
N GLU A 168 7.29 21.69 -32.61
CA GLU A 168 6.83 23.01 -32.99
C GLU A 168 5.92 23.65 -31.95
N ILE A 169 5.47 22.87 -30.95
CA ILE A 169 4.72 23.46 -29.84
C ILE A 169 5.60 24.43 -29.07
N GLY A 170 6.92 24.23 -29.10
CA GLY A 170 7.85 25.17 -28.50
C GLY A 170 7.85 26.55 -29.12
N ARG A 171 7.18 26.72 -30.26
CA ARG A 171 7.07 28.02 -30.89
C ARG A 171 6.08 28.92 -30.17
N LEU A 172 5.12 28.35 -29.43
CA LEU A 172 4.00 29.09 -28.84
C LEU A 172 4.46 29.82 -27.58
N THR A 173 5.14 30.94 -27.79
CA THR A 173 5.82 31.60 -26.68
C THR A 173 4.89 32.33 -25.74
N LYS A 174 3.61 32.45 -26.08
CA LYS A 174 2.63 33.01 -25.16
C LYS A 174 2.01 31.96 -24.25
N LEU A 175 2.40 30.69 -24.40
CA LEU A 175 1.79 29.63 -23.61
C LEU A 175 2.00 29.85 -22.12
N HIS A 176 0.90 29.94 -21.37
CA HIS A 176 0.97 29.95 -19.92
C HIS A 176 0.92 28.55 -19.33
N GLU A 177 0.19 27.62 -19.95
CA GLU A 177 -0.03 26.31 -19.37
C GLU A 177 -0.20 25.26 -20.46
N ILE A 178 0.55 24.17 -20.36
CA ILE A 178 0.39 23.01 -21.22
C ILE A 178 -0.05 21.84 -20.34
N ALA A 179 -1.16 21.20 -20.70
CA ALA A 179 -1.66 20.03 -20.00
C ALA A 179 -1.93 18.94 -21.02
N LEU A 180 -1.07 17.92 -21.04
CA LEU A 180 -1.23 16.79 -21.95
C LEU A 180 -1.33 15.47 -21.20
N TYR A 181 -1.64 15.52 -19.90
CA TYR A 181 -1.50 14.33 -19.07
C TYR A 181 -2.59 13.31 -19.37
N ASP A 182 -2.33 12.07 -18.93
CA ASP A 182 -3.25 10.95 -19.12
C ASP A 182 -3.51 10.71 -20.62
N ASN A 183 -2.44 10.36 -21.33
CA ASN A 183 -2.50 10.04 -22.74
C ASN A 183 -1.58 8.84 -22.97
N LEU A 184 -1.30 8.57 -24.24
CA LEU A 184 -0.38 7.50 -24.63
C LEU A 184 0.85 8.07 -25.34
N LEU A 185 1.23 9.30 -25.01
CA LEU A 185 2.35 9.93 -25.68
C LEU A 185 3.65 9.21 -25.40
N THR A 186 4.53 9.16 -26.39
CA THR A 186 5.84 8.53 -26.26
C THR A 186 6.91 9.51 -26.74
N GLY A 187 8.16 9.06 -26.74
CA GLY A 187 9.28 9.87 -27.16
C GLY A 187 9.72 10.87 -26.11
N PRO A 188 10.73 11.66 -26.43
CA PRO A 188 11.27 12.62 -25.46
C PRO A 188 10.44 13.89 -25.40
N ILE A 189 10.56 14.58 -24.27
CA ILE A 189 10.06 15.95 -24.19
C ILE A 189 10.88 16.83 -25.12
N PRO A 190 10.25 17.58 -26.03
CA PRO A 190 11.04 18.39 -26.98
C PRO A 190 11.91 19.42 -26.26
N SER A 191 13.16 19.53 -26.70
CA SER A 191 14.00 20.56 -26.13
C SER A 191 13.53 21.95 -26.51
N SER A 192 12.69 22.08 -27.54
CA SER A 192 12.11 23.36 -27.87
C SER A 192 11.23 23.89 -26.75
N PHE A 193 10.77 23.02 -25.85
CA PHE A 193 9.93 23.50 -24.76
C PHE A 193 10.67 24.51 -23.88
N GLY A 194 12.00 24.47 -23.89
CA GLY A 194 12.78 25.47 -23.19
C GLY A 194 12.61 26.88 -23.73
N ASN A 195 12.02 27.01 -24.93
CA ASN A 195 11.79 28.29 -25.56
C ASN A 195 10.49 28.96 -25.11
N LEU A 196 9.72 28.30 -24.24
CA LEU A 196 8.43 28.80 -23.78
C LEU A 196 8.63 29.63 -22.51
N THR A 197 9.08 30.86 -22.71
CA THR A 197 9.53 31.69 -21.60
C THR A 197 8.39 32.16 -20.69
N ASN A 198 7.14 31.98 -21.09
CA ASN A 198 6.01 32.37 -20.27
C ASN A 198 5.29 31.19 -19.65
N LEU A 199 5.75 29.96 -19.89
CA LEU A 199 5.06 28.81 -19.35
C LEU A 199 5.16 28.80 -17.84
N ALA A 200 4.02 28.58 -17.19
CA ALA A 200 3.97 28.47 -15.73
C ALA A 200 3.71 27.05 -15.26
N ASN A 201 2.88 26.29 -15.98
CA ASN A 201 2.53 24.94 -15.60
C ASN A 201 2.76 24.01 -16.76
N LEU A 202 3.55 22.95 -16.55
CA LEU A 202 3.75 21.89 -17.53
C LEU A 202 3.28 20.58 -16.89
N TYR A 203 2.16 20.05 -17.38
CA TYR A 203 1.61 18.80 -16.88
C TYR A 203 1.69 17.75 -17.97
N LEU A 204 2.60 16.78 -17.80
CA LEU A 204 2.76 15.71 -18.78
C LEU A 204 2.71 14.34 -18.12
N PHE A 205 2.10 14.23 -16.94
CA PHE A 205 2.14 12.99 -16.19
C PHE A 205 1.17 11.96 -16.79
N ILE A 206 1.31 10.72 -16.35
CA ILE A 206 0.55 9.59 -16.89
C ILE A 206 0.70 9.56 -18.40
N ASN A 207 1.90 9.28 -18.86
CA ASN A 207 2.19 9.08 -20.28
C ASN A 207 3.31 8.05 -20.37
N SER A 208 3.85 7.86 -21.56
CA SER A 208 5.00 6.99 -21.77
C SER A 208 6.16 7.77 -22.38
N LEU A 209 6.33 9.02 -21.96
CA LEU A 209 7.46 9.82 -22.41
C LEU A 209 8.77 9.16 -21.97
N SER A 210 9.79 9.31 -22.80
CA SER A 210 11.02 8.56 -22.65
C SER A 210 12.20 9.49 -22.88
N GLY A 211 13.39 8.90 -22.96
CA GLY A 211 14.60 9.65 -23.21
C GLY A 211 14.97 10.51 -22.03
N PRO A 212 16.06 11.26 -22.15
CA PRO A 212 16.48 12.16 -21.07
C PRO A 212 15.62 13.41 -21.03
N ILE A 213 15.50 13.96 -19.83
CA ILE A 213 14.85 15.27 -19.68
C ILE A 213 15.75 16.30 -20.35
N PRO A 214 15.25 17.06 -21.32
CA PRO A 214 16.08 18.07 -21.98
C PRO A 214 16.53 19.12 -20.99
N PRO A 215 17.83 19.40 -20.92
CA PRO A 215 18.30 20.45 -19.98
C PRO A 215 17.78 21.82 -20.32
N GLU A 216 17.26 22.02 -21.53
CA GLU A 216 16.66 23.30 -21.90
C GLU A 216 15.44 23.64 -21.05
N LEU A 217 14.86 22.66 -20.35
CA LEU A 217 13.78 22.98 -19.42
C LEU A 217 14.23 23.94 -18.33
N GLY A 218 15.54 24.00 -18.05
CA GLY A 218 16.03 24.93 -17.06
C GLY A 218 15.89 26.39 -17.49
N ASN A 219 15.63 26.64 -18.76
CA ASN A 219 15.42 28.00 -19.24
C ASN A 219 14.02 28.52 -18.93
N LEU A 220 13.11 27.67 -18.45
CA LEU A 220 11.72 28.06 -18.20
C LEU A 220 11.67 28.88 -16.92
N SER A 221 12.04 30.15 -17.05
CA SER A 221 12.23 30.98 -15.85
C SER A 221 10.90 31.30 -15.18
N SER A 222 9.80 31.31 -15.93
CA SER A 222 8.50 31.58 -15.35
C SER A 222 7.83 30.34 -14.77
N LEU A 223 8.42 29.16 -14.95
CA LEU A 223 7.76 27.92 -14.56
C LEU A 223 7.47 27.91 -13.07
N ALA A 224 6.25 27.49 -12.72
CA ALA A 224 5.86 27.30 -11.34
C ALA A 224 5.61 25.85 -10.98
N GLU A 225 5.07 25.06 -11.90
CA GLU A 225 4.72 23.67 -11.63
C GLU A 225 5.23 22.80 -12.76
N LEU A 226 6.05 21.81 -12.41
CA LEU A 226 6.63 20.88 -13.37
C LEU A 226 6.22 19.49 -12.93
N CYS A 227 5.26 18.89 -13.63
CA CYS A 227 4.75 17.57 -13.27
C CYS A 227 5.00 16.62 -14.45
N LEU A 228 6.11 15.88 -14.36
CA LEU A 228 6.48 14.90 -15.37
C LEU A 228 6.38 13.47 -14.83
N ASP A 229 5.67 13.28 -13.72
CA ASP A 229 5.63 12.01 -13.04
C ASP A 229 4.92 10.95 -13.88
N ARG A 230 5.07 9.70 -13.43
CA ARG A 230 4.39 8.55 -14.03
C ARG A 230 4.60 8.50 -15.55
N ASN A 231 5.87 8.43 -15.92
CA ASN A 231 6.32 8.34 -17.30
C ASN A 231 7.40 7.27 -17.35
N LYS A 232 8.10 7.17 -18.47
CA LYS A 232 9.24 6.28 -18.59
C LYS A 232 10.53 7.06 -18.83
N LEU A 233 10.66 8.22 -18.20
CA LEU A 233 11.83 9.07 -18.41
C LEU A 233 13.08 8.42 -17.83
N THR A 234 14.19 8.55 -18.55
CA THR A 234 15.47 7.99 -18.17
C THR A 234 16.52 9.09 -18.10
N GLY A 235 17.76 8.70 -17.83
CA GLY A 235 18.83 9.66 -17.74
C GLY A 235 18.84 10.39 -16.41
N GLN A 236 19.74 11.37 -16.34
CA GLN A 236 19.92 12.16 -15.13
C GLN A 236 18.97 13.35 -15.10
N ILE A 237 18.69 13.82 -13.89
CA ILE A 237 17.99 15.09 -13.70
C ILE A 237 18.95 16.19 -14.15
N PRO A 238 18.57 17.05 -15.09
CA PRO A 238 19.50 18.10 -15.56
C PRO A 238 19.95 19.02 -14.42
N SER A 239 21.25 19.33 -14.41
CA SER A 239 21.75 20.25 -13.40
C SER A 239 21.24 21.66 -13.63
N SER A 240 20.74 21.97 -14.83
CA SER A 240 20.16 23.27 -15.10
C SER A 240 18.88 23.51 -14.33
N PHE A 241 18.29 22.48 -13.70
CA PHE A 241 17.09 22.70 -12.91
C PHE A 241 17.31 23.71 -11.79
N GLY A 242 18.56 23.92 -11.39
CA GLY A 242 18.87 24.92 -10.38
C GLY A 242 18.52 26.34 -10.78
N LYS A 243 18.26 26.56 -12.06
CA LYS A 243 17.88 27.88 -12.54
C LYS A 243 16.39 28.14 -12.48
N LEU A 244 15.59 27.10 -12.20
CA LEU A 244 14.13 27.23 -12.09
C LEU A 244 13.79 27.81 -10.72
N LYS A 245 13.92 29.13 -10.61
CA LYS A 245 13.78 29.80 -9.32
C LYS A 245 12.33 30.04 -8.91
N ASN A 246 11.37 29.76 -9.78
CA ASN A 246 9.97 30.01 -9.51
C ASN A 246 9.13 28.74 -9.40
N VAL A 247 9.73 27.57 -9.57
CA VAL A 247 9.02 26.30 -9.49
C VAL A 247 8.74 26.01 -8.02
N THR A 248 7.47 25.81 -7.69
CA THR A 248 7.05 25.42 -6.35
C THR A 248 6.73 23.94 -6.24
N LEU A 249 6.32 23.30 -7.34
CA LEU A 249 5.97 21.89 -7.37
C LEU A 249 6.81 21.20 -8.43
N LEU A 250 7.64 20.25 -8.00
CA LEU A 250 8.41 19.41 -8.91
C LEU A 250 8.04 17.96 -8.66
N ASN A 251 7.16 17.42 -9.50
CA ASN A 251 6.75 16.02 -9.44
C ASN A 251 7.40 15.29 -10.61
N MET A 252 8.33 14.39 -10.31
CA MET A 252 8.94 13.54 -11.32
C MET A 252 8.99 12.08 -10.86
N PHE A 253 8.14 11.71 -9.90
CA PHE A 253 8.17 10.38 -9.33
C PHE A 253 7.66 9.34 -10.33
N GLU A 254 7.90 8.07 -10.01
CA GLU A 254 7.49 6.92 -10.84
C GLU A 254 7.99 7.08 -12.28
N ASN A 255 9.30 7.29 -12.39
CA ASN A 255 10.01 7.31 -13.65
C ASN A 255 11.17 6.34 -13.55
N ASN A 256 12.05 6.35 -14.55
CA ASN A 256 13.25 5.50 -14.51
C ASN A 256 14.50 6.35 -14.57
N LEU A 257 14.49 7.48 -13.85
CA LEU A 257 15.66 8.36 -13.81
C LEU A 257 16.81 7.69 -13.07
N THR A 258 18.02 7.91 -13.56
CA THR A 258 19.23 7.36 -12.98
C THR A 258 20.19 8.50 -12.60
N GLY A 259 21.39 8.13 -12.15
CA GLY A 259 22.32 9.13 -11.67
C GLY A 259 21.94 9.61 -10.28
N GLU A 260 22.64 10.64 -9.84
CA GLU A 260 22.41 11.19 -8.51
C GLU A 260 21.63 12.50 -8.58
N ILE A 261 20.95 12.82 -7.49
CA ILE A 261 20.23 14.07 -7.37
C ILE A 261 21.22 15.22 -7.41
N PRO A 262 21.22 16.04 -8.46
CA PRO A 262 22.21 17.10 -8.57
C PRO A 262 22.05 18.12 -7.45
N PRO A 263 23.16 18.57 -6.84
CA PRO A 263 23.04 19.57 -5.77
C PRO A 263 22.38 20.86 -6.23
N GLU A 264 22.33 21.12 -7.54
CA GLU A 264 21.67 22.31 -8.06
C GLU A 264 20.18 22.32 -7.74
N ILE A 265 19.59 21.16 -7.40
CA ILE A 265 18.19 21.15 -7.00
C ILE A 265 17.98 22.02 -5.77
N GLY A 266 19.00 22.16 -4.93
CA GLY A 266 18.93 23.02 -3.75
C GLY A 266 18.84 24.51 -4.08
N ASP A 267 18.96 24.89 -5.35
CA ASP A 267 18.84 26.28 -5.75
C ASP A 267 17.43 26.65 -6.19
N MET A 268 16.53 25.67 -6.35
CA MET A 268 15.13 25.95 -6.68
C MET A 268 14.43 26.41 -5.40
N SER A 269 14.62 27.69 -5.10
CA SER A 269 14.28 28.24 -3.78
C SER A 269 12.79 28.22 -3.50
N ALA A 270 11.97 28.36 -4.54
CA ALA A 270 10.53 28.43 -4.36
C ALA A 270 9.89 27.07 -4.10
N LEU A 271 10.67 25.98 -4.14
CA LEU A 271 10.10 24.64 -4.01
C LEU A 271 9.41 24.44 -2.67
N ASP A 272 8.14 24.01 -2.70
CA ASP A 272 7.52 23.50 -1.48
C ASP A 272 7.22 22.01 -1.52
N THR A 273 7.19 21.41 -2.71
CA THR A 273 7.00 19.97 -2.86
C THR A 273 8.03 19.45 -3.85
N LEU A 274 8.83 18.49 -3.42
CA LEU A 274 9.81 17.83 -4.29
C LEU A 274 9.59 16.32 -4.19
N SER A 275 9.15 15.71 -5.28
CA SER A 275 8.83 14.29 -5.29
C SER A 275 9.61 13.60 -6.41
N LEU A 276 10.57 12.75 -6.04
CA LEU A 276 11.35 11.97 -6.99
C LEU A 276 11.29 10.48 -6.70
N HIS A 277 10.26 10.04 -5.98
CA HIS A 277 10.20 8.66 -5.50
C HIS A 277 9.96 7.68 -6.64
N THR A 278 10.22 6.41 -6.38
CA THR A 278 10.06 5.32 -7.34
C THR A 278 10.80 5.63 -8.64
N ASN A 279 12.11 5.89 -8.48
CA ASN A 279 13.02 6.10 -9.60
C ASN A 279 14.21 5.17 -9.40
N ASN A 280 15.25 5.31 -10.21
CA ASN A 280 16.48 4.53 -10.03
C ASN A 280 17.67 5.45 -9.71
N LEU A 281 17.42 6.46 -8.91
CA LEU A 281 18.47 7.41 -8.53
C LEU A 281 19.49 6.74 -7.61
N THR A 282 20.73 7.20 -7.70
CA THR A 282 21.83 6.65 -6.92
C THR A 282 22.63 7.78 -6.25
N GLY A 283 23.73 7.44 -5.62
CA GLY A 283 24.55 8.45 -4.97
C GLY A 283 23.94 8.96 -3.67
N SER A 284 24.51 10.05 -3.19
CA SER A 284 24.13 10.64 -1.92
C SER A 284 23.06 11.71 -2.09
N ILE A 285 22.34 11.98 -1.00
CA ILE A 285 21.39 13.09 -0.94
C ILE A 285 22.19 14.37 -0.82
N PRO A 286 22.04 15.32 -1.74
CA PRO A 286 22.85 16.54 -1.67
C PRO A 286 22.48 17.37 -0.45
N SER A 287 23.51 17.85 0.24
CA SER A 287 23.29 18.71 1.41
C SER A 287 22.59 20.01 1.04
N SER A 288 22.65 20.42 -0.23
CA SER A 288 22.03 21.66 -0.67
C SER A 288 20.53 21.65 -0.48
N LEU A 289 19.92 20.48 -0.27
CA LEU A 289 18.48 20.44 -0.01
C LEU A 289 18.11 21.23 1.24
N GLY A 290 19.06 21.42 2.16
CA GLY A 290 18.81 22.23 3.33
C GLY A 290 18.59 23.70 3.03
N ASN A 291 18.96 24.16 1.83
CA ASN A 291 18.70 25.52 1.41
C ASN A 291 17.26 25.75 0.97
N LEU A 292 16.44 24.70 0.92
CA LEU A 292 15.06 24.83 0.43
C LEU A 292 14.16 25.22 1.60
N LYS A 293 14.15 26.52 1.90
CA LYS A 293 13.47 27.04 3.08
C LYS A 293 11.96 26.98 3.00
N ASN A 294 11.38 26.74 1.82
CA ASN A 294 9.94 26.60 1.67
C ASN A 294 9.51 25.15 1.47
N LEU A 295 10.43 24.21 1.48
CA LEU A 295 10.12 22.82 1.17
C LEU A 295 9.33 22.19 2.32
N ALA A 296 8.08 21.81 2.06
CA ALA A 296 7.26 21.16 3.07
C ALA A 296 7.11 19.68 2.84
N ILE A 297 7.24 19.23 1.60
CA ILE A 297 7.06 17.83 1.25
C ILE A 297 8.28 17.40 0.43
N LEU A 298 8.97 16.37 0.91
CA LEU A 298 10.11 15.79 0.20
C LEU A 298 9.89 14.28 0.14
N HIS A 299 9.67 13.77 -1.08
CA HIS A 299 9.51 12.34 -1.33
C HIS A 299 10.68 11.84 -2.16
N LEU A 300 11.52 11.00 -1.53
CA LEU A 300 12.67 10.39 -2.20
C LEU A 300 12.65 8.88 -2.11
N TYR A 301 11.56 8.29 -1.63
CA TYR A 301 11.57 6.87 -1.32
C TYR A 301 11.60 6.03 -2.59
N LEU A 302 11.88 4.73 -2.41
CA LEU A 302 11.96 3.76 -3.49
C LEU A 302 13.00 4.21 -4.54
N ASN A 303 14.23 4.33 -4.08
CA ASN A 303 15.37 4.65 -4.92
C ASN A 303 16.54 3.83 -4.44
N LYS A 304 17.74 4.15 -4.93
CA LYS A 304 18.96 3.48 -4.52
C LYS A 304 19.96 4.48 -3.95
N LEU A 305 19.45 5.47 -3.20
CA LEU A 305 20.32 6.47 -2.60
C LEU A 305 21.17 5.85 -1.50
N THR A 306 22.44 6.21 -1.48
CA THR A 306 23.43 5.68 -0.55
C THR A 306 24.08 6.83 0.22
N GLY A 307 25.01 6.47 1.10
CA GLY A 307 25.70 7.46 1.89
C GLY A 307 24.87 7.92 3.09
N SER A 308 25.41 8.94 3.77
CA SER A 308 24.79 9.46 4.97
C SER A 308 23.76 10.53 4.63
N ILE A 309 22.83 10.73 5.57
CA ILE A 309 21.89 11.84 5.50
C ILE A 309 22.61 13.10 5.92
N PRO A 310 22.78 14.10 5.05
CA PRO A 310 23.47 15.32 5.44
C PRO A 310 22.77 15.98 6.62
N GLU A 311 23.58 16.46 7.57
CA GLU A 311 22.99 17.16 8.71
C GLU A 311 22.31 18.46 8.28
N GLU A 312 22.66 18.98 7.10
CA GLU A 312 22.01 20.19 6.61
C GLU A 312 20.55 19.98 6.31
N LEU A 313 20.09 18.73 6.21
CA LEU A 313 18.67 18.48 6.01
C LEU A 313 17.84 18.95 7.20
N GLY A 314 18.46 19.12 8.37
CA GLY A 314 17.80 19.69 9.53
C GLY A 314 17.44 21.16 9.39
N ASP A 315 17.98 21.84 8.37
CA ASP A 315 17.67 23.24 8.11
C ASP A 315 16.48 23.41 7.17
N MET A 316 15.80 22.34 6.79
CA MET A 316 14.56 22.43 6.01
C MET A 316 13.43 22.80 6.97
N GLU A 317 13.37 24.09 7.32
CA GLU A 317 12.52 24.53 8.44
C GLU A 317 11.04 24.29 8.18
N THR A 318 10.61 24.36 6.93
CA THR A 318 9.21 24.17 6.60
C THR A 318 8.80 22.70 6.50
N MET A 319 9.76 21.78 6.61
CA MET A 319 9.51 20.37 6.32
C MET A 319 8.38 19.81 7.18
N ILE A 320 7.39 19.24 6.51
CA ILE A 320 6.24 18.61 7.14
C ILE A 320 6.26 17.09 6.94
N ASP A 321 6.53 16.65 5.72
CA ASP A 321 6.38 15.26 5.30
C ASP A 321 7.68 14.84 4.62
N LEU A 322 8.58 14.23 5.39
CA LEU A 322 9.89 13.81 4.90
C LEU A 322 9.91 12.28 4.76
N GLU A 323 9.95 11.81 3.52
CA GLU A 323 9.91 10.37 3.21
C GLU A 323 11.11 10.03 2.33
N ILE A 324 12.19 9.55 2.94
CA ILE A 324 13.35 9.05 2.22
C ILE A 324 13.54 7.58 2.58
N SER A 325 12.45 6.91 2.90
CA SER A 325 12.47 5.49 3.21
C SER A 325 12.77 4.67 1.95
N GLU A 326 12.97 3.36 2.13
CA GLU A 326 13.21 2.42 1.03
C GLU A 326 14.37 2.87 0.14
N ASN A 327 15.54 3.01 0.77
CA ASN A 327 16.77 3.41 0.09
C ASN A 327 17.91 2.59 0.69
N LYS A 328 19.15 2.97 0.39
CA LYS A 328 20.33 2.31 0.94
C LYS A 328 21.17 3.26 1.78
N LEU A 329 20.54 4.27 2.37
CA LEU A 329 21.25 5.23 3.22
C LEU A 329 21.90 4.52 4.40
N THR A 330 23.09 4.99 4.76
CA THR A 330 23.87 4.41 5.85
C THR A 330 24.22 5.51 6.85
N GLY A 331 24.91 5.13 7.91
CA GLY A 331 25.32 6.07 8.93
C GLY A 331 24.19 6.48 9.84
N PRO A 332 24.47 7.45 10.72
CA PRO A 332 23.48 7.87 11.71
C PRO A 332 22.54 8.95 11.18
N VAL A 333 21.37 9.00 11.79
CA VAL A 333 20.45 10.10 11.52
C VAL A 333 20.99 11.36 12.20
N PRO A 334 21.08 12.49 11.49
CA PRO A 334 21.69 13.68 12.08
C PRO A 334 20.91 14.18 13.29
N GLY A 335 21.65 14.62 14.31
CA GLY A 335 21.01 15.22 15.47
C GLY A 335 20.35 16.54 15.16
N SER A 336 20.67 17.16 14.03
CA SER A 336 20.05 18.40 13.62
C SER A 336 18.57 18.25 13.29
N PHE A 337 18.06 17.03 13.23
CA PHE A 337 16.64 16.85 12.91
C PHE A 337 15.72 17.45 13.97
N GLY A 338 16.25 17.77 15.15
CA GLY A 338 15.48 18.48 16.15
C GLY A 338 15.07 19.87 15.73
N LYS A 339 15.71 20.43 14.71
CA LYS A 339 15.36 21.75 14.20
C LYS A 339 14.14 21.73 13.28
N LEU A 340 13.70 20.56 12.83
CA LEU A 340 12.51 20.43 11.98
C LEU A 340 11.27 20.53 12.87
N THR A 341 10.93 21.77 13.24
CA THR A 341 9.85 22.02 14.20
C THR A 341 8.46 21.82 13.63
N LYS A 342 8.31 21.81 12.30
CA LYS A 342 7.02 21.52 11.68
C LYS A 342 6.88 20.07 11.24
N LEU A 343 7.83 19.21 11.61
CA LEU A 343 7.86 17.84 11.10
C LEU A 343 6.64 17.07 11.61
N GLU A 344 5.84 16.55 10.68
CA GLU A 344 4.67 15.75 11.02
C GLU A 344 4.87 14.27 10.70
N TRP A 345 5.34 13.96 9.50
CA TRP A 345 5.59 12.59 9.08
C TRP A 345 7.06 12.43 8.75
N LEU A 346 7.67 11.38 9.32
CA LEU A 346 9.05 11.04 9.06
C LEU A 346 9.11 9.56 8.70
N PHE A 347 9.57 9.26 7.49
CA PHE A 347 9.69 7.89 6.99
C PHE A 347 11.15 7.62 6.66
N LEU A 348 11.82 6.86 7.52
CA LEU A 348 13.18 6.41 7.26
C LEU A 348 13.30 4.89 7.14
N ARG A 349 12.17 4.18 7.11
CA ARG A 349 12.17 2.73 7.15
C ARG A 349 12.87 2.15 5.92
N ASP A 350 13.37 0.91 6.08
CA ASP A 350 13.97 0.14 5.00
C ASP A 350 15.21 0.84 4.42
N ASN A 351 16.17 1.10 5.31
CA ASN A 351 17.44 1.68 4.95
C ASN A 351 18.52 0.90 5.71
N HIS A 352 19.75 1.41 5.70
CA HIS A 352 20.83 0.83 6.49
C HIS A 352 21.37 1.83 7.50
N LEU A 353 20.50 2.72 7.98
CA LEU A 353 20.88 3.66 9.02
C LEU A 353 21.31 2.92 10.27
N SER A 354 22.28 3.49 10.97
CA SER A 354 22.86 2.82 12.13
C SER A 354 23.04 3.85 13.23
N GLY A 355 23.72 3.44 14.30
CA GLY A 355 23.97 4.29 15.44
C GLY A 355 22.75 4.45 16.30
N PRO A 356 22.87 5.23 17.37
CA PRO A 356 21.70 5.48 18.22
C PRO A 356 20.76 6.47 17.57
N ILE A 357 19.50 6.37 17.97
CA ILE A 357 18.45 7.28 17.50
C ILE A 357 18.56 8.58 18.29
N PRO A 358 18.90 9.70 17.63
CA PRO A 358 19.10 10.95 18.36
C PRO A 358 17.78 11.48 18.89
N PRO A 359 17.79 12.21 20.01
CA PRO A 359 16.52 12.69 20.59
C PRO A 359 15.75 13.65 19.69
N GLY A 360 16.43 14.39 18.81
CA GLY A 360 15.75 15.37 17.99
C GLY A 360 14.86 14.79 16.91
N ILE A 361 14.96 13.48 16.65
CA ILE A 361 14.16 12.88 15.58
C ILE A 361 12.68 12.87 15.96
N ALA A 362 12.38 12.84 17.26
CA ALA A 362 11.00 12.81 17.75
C ALA A 362 10.64 14.06 18.54
N ASN A 363 11.46 15.11 18.45
CA ASN A 363 11.27 16.31 19.27
C ASN A 363 10.19 17.24 18.74
N SER A 364 9.65 16.98 17.55
CA SER A 364 8.63 17.87 16.98
C SER A 364 7.32 17.73 17.74
N SER A 365 6.73 18.89 18.07
CA SER A 365 5.48 18.91 18.80
C SER A 365 4.32 18.32 18.00
N VAL A 366 4.43 18.27 16.68
CA VAL A 366 3.35 17.83 15.81
C VAL A 366 3.68 16.53 15.11
N LEU A 367 4.78 15.88 15.49
CA LEU A 367 5.15 14.59 14.90
C LEU A 367 4.09 13.54 15.23
N THR A 368 3.46 12.98 14.20
CA THR A 368 2.45 11.95 14.38
C THR A 368 2.81 10.59 13.78
N VAL A 369 3.72 10.55 12.82
CA VAL A 369 4.17 9.31 12.21
C VAL A 369 5.69 9.26 12.29
N LEU A 370 6.21 8.17 12.87
CA LEU A 370 7.66 7.97 13.00
C LEU A 370 7.97 6.52 12.63
N GLN A 371 8.30 6.30 11.36
CA GLN A 371 8.60 4.97 10.84
C GLN A 371 10.12 4.81 10.68
N LEU A 372 10.70 3.99 11.56
CA LEU A 372 12.14 3.74 11.56
C LEU A 372 12.49 2.27 11.39
N ASP A 373 11.51 1.42 11.13
CA ASP A 373 11.73 -0.02 11.10
C ASP A 373 12.68 -0.41 9.96
N THR A 374 13.16 -1.65 10.01
CA THR A 374 14.04 -2.25 9.00
C THR A 374 15.28 -1.39 8.76
N ASN A 375 16.03 -1.21 9.83
CA ASN A 375 17.28 -0.45 9.82
C ASN A 375 18.26 -1.17 10.73
N ASN A 376 19.36 -0.49 11.06
CA ASN A 376 20.38 -1.05 11.93
C ASN A 376 20.63 -0.16 13.15
N PHE A 377 19.59 0.52 13.63
CA PHE A 377 19.72 1.38 14.81
C PHE A 377 20.08 0.55 16.04
N THR A 378 20.91 1.13 16.91
CA THR A 378 21.35 0.50 18.15
C THR A 378 21.06 1.43 19.31
N GLY A 379 21.35 0.95 20.52
CA GLY A 379 21.16 1.77 21.70
C GLY A 379 19.71 1.76 22.16
N VAL A 380 19.38 2.76 22.98
CA VAL A 380 18.07 2.86 23.60
C VAL A 380 17.26 3.97 22.94
N LEU A 381 15.94 3.89 23.13
CA LEU A 381 15.05 4.89 22.58
C LEU A 381 15.23 6.22 23.31
N PRO A 382 15.23 7.35 22.59
CA PRO A 382 15.34 8.64 23.26
C PRO A 382 14.09 8.97 24.06
N GLU A 383 14.28 9.82 25.08
CA GLU A 383 13.20 10.24 25.97
C GLU A 383 12.19 11.16 25.30
N THR A 384 12.39 11.52 24.04
CA THR A 384 11.55 12.51 23.37
C THR A 384 10.45 11.87 22.52
N ILE A 385 10.29 10.55 22.58
CA ILE A 385 9.53 9.82 21.55
C ILE A 385 8.12 10.39 21.41
N CYS A 386 7.37 10.43 22.49
CA CYS A 386 6.01 10.98 22.43
C CYS A 386 5.89 12.15 23.39
N ARG A 387 6.90 13.01 23.41
CA ARG A 387 6.97 14.05 24.44
C ARG A 387 5.85 15.08 24.32
N SER A 388 5.21 15.19 23.16
CA SER A 388 4.11 16.12 23.01
C SER A 388 2.74 15.45 23.10
N GLY A 389 2.69 14.12 23.23
CA GLY A 389 1.42 13.43 23.31
C GLY A 389 0.65 13.40 22.01
N LYS A 390 1.33 13.39 20.87
CA LYS A 390 0.66 13.40 19.58
C LYS A 390 1.10 12.26 18.66
N LEU A 391 2.08 11.46 19.06
CA LEU A 391 2.55 10.38 18.20
C LEU A 391 1.45 9.34 18.00
N GLU A 392 1.24 8.93 16.75
CA GLU A 392 0.19 8.00 16.41
C GLU A 392 0.69 6.72 15.77
N ASP A 393 1.78 6.77 14.99
CA ASP A 393 2.31 5.61 14.28
C ASP A 393 3.80 5.53 14.56
N LEU A 394 4.22 4.43 15.18
CA LEU A 394 5.63 4.20 15.52
C LEU A 394 6.02 2.79 15.10
N THR A 395 7.00 2.69 14.21
CA THR A 395 7.52 1.39 13.76
C THR A 395 9.01 1.35 14.03
N LEU A 396 9.46 0.26 14.68
CA LEU A 396 10.87 0.05 14.98
C LEU A 396 11.31 -1.38 14.66
N ASP A 397 10.57 -2.08 13.81
CA ASP A 397 10.81 -3.50 13.57
C ASP A 397 12.23 -3.74 13.06
N ASP A 398 12.83 -4.84 13.55
CA ASP A 398 14.06 -5.39 12.99
C ASP A 398 15.21 -4.39 13.04
N ASN A 399 15.39 -3.79 14.20
CA ASN A 399 16.57 -3.00 14.52
C ASN A 399 17.39 -3.75 15.58
N LEU A 400 18.47 -3.11 16.04
CA LEU A 400 19.29 -3.65 17.11
C LEU A 400 19.14 -2.83 18.38
N LEU A 401 17.94 -2.31 18.63
CA LEU A 401 17.68 -1.48 19.79
C LEU A 401 17.54 -2.35 21.04
N SER A 402 17.61 -1.69 22.19
CA SER A 402 17.53 -2.37 23.48
C SER A 402 17.20 -1.33 24.54
N GLY A 403 17.15 -1.79 25.80
CA GLY A 403 16.86 -0.90 26.90
C GLY A 403 15.38 -0.82 27.21
N PRO A 404 14.99 0.13 28.05
CA PRO A 404 13.59 0.25 28.46
C PRO A 404 12.79 1.14 27.53
N ILE A 405 11.48 0.95 27.60
CA ILE A 405 10.55 1.85 26.93
C ILE A 405 10.59 3.21 27.64
N PRO A 406 10.81 4.31 26.94
CA PRO A 406 10.83 5.61 27.61
C PRO A 406 9.46 5.94 28.22
N ILE A 407 9.49 6.76 29.27
CA ILE A 407 8.28 7.01 30.04
C ILE A 407 7.26 7.78 29.21
N SER A 408 7.72 8.68 28.33
CA SER A 408 6.78 9.39 27.46
C SER A 408 6.10 8.45 26.48
N LEU A 409 6.72 7.31 26.18
CA LEU A 409 6.05 6.30 25.35
C LEU A 409 5.04 5.49 26.17
N THR A 410 5.37 5.21 27.44
CA THR A 410 4.41 4.54 28.31
C THR A 410 3.12 5.33 28.43
N ASN A 411 3.20 6.67 28.37
CA ASN A 411 2.04 7.53 28.54
C ASN A 411 1.59 8.17 27.24
N CYS A 412 1.95 7.59 26.12
CA CYS A 412 1.57 8.12 24.81
C CYS A 412 0.17 7.61 24.49
N LYS A 413 -0.85 8.32 24.98
CA LYS A 413 -2.23 7.87 24.79
C LYS A 413 -2.70 8.01 23.35
N SER A 414 -2.04 8.83 22.54
CA SER A 414 -2.42 9.02 21.15
C SER A 414 -1.98 7.88 20.24
N LEU A 415 -1.29 6.87 20.77
CA LEU A 415 -0.79 5.79 19.94
C LEU A 415 -1.92 5.05 19.26
N ILE A 416 -1.77 4.81 17.95
CA ILE A 416 -2.69 4.00 17.19
C ILE A 416 -2.04 2.70 16.72
N ARG A 417 -0.80 2.77 16.26
CA ARG A 417 -0.02 1.59 15.90
C ARG A 417 1.38 1.71 16.47
N ALA A 418 1.87 0.61 17.04
CA ALA A 418 3.20 0.56 17.62
C ALA A 418 3.80 -0.81 17.32
N ARG A 419 4.96 -0.82 16.66
CA ARG A 419 5.65 -2.05 16.29
C ARG A 419 7.06 -2.01 16.85
N PHE A 420 7.37 -2.95 17.75
CA PHE A 420 8.70 -3.09 18.33
C PHE A 420 9.36 -4.41 17.93
N LYS A 421 8.77 -5.13 16.98
CA LYS A 421 9.18 -6.51 16.72
C LYS A 421 10.66 -6.59 16.33
N GLY A 422 11.34 -7.61 16.84
CA GLY A 422 12.71 -7.89 16.42
C GLY A 422 13.74 -6.94 16.98
N ASN A 423 13.74 -6.78 18.30
CA ASN A 423 14.71 -5.92 18.97
C ASN A 423 15.10 -6.62 20.26
N SER A 424 15.77 -5.88 21.15
CA SER A 424 16.19 -6.38 22.44
C SER A 424 15.61 -5.53 23.58
N PHE A 425 14.42 -4.99 23.39
CA PHE A 425 13.79 -4.19 24.43
C PHE A 425 13.52 -5.06 25.66
N SER A 426 13.68 -4.46 26.84
CA SER A 426 13.59 -5.16 28.10
C SER A 426 12.71 -4.36 29.06
N GLY A 427 12.42 -4.98 30.21
CA GLY A 427 11.68 -4.32 31.26
C GLY A 427 10.34 -4.98 31.52
N ASP A 428 9.76 -4.62 32.67
CA ASP A 428 8.48 -5.15 33.09
C ASP A 428 7.38 -4.69 32.12
N ILE A 429 6.75 -5.65 31.45
CA ILE A 429 5.74 -5.32 30.47
C ILE A 429 4.51 -4.66 31.12
N SER A 430 4.31 -4.87 32.42
CA SER A 430 3.19 -4.23 33.10
C SER A 430 3.49 -2.79 33.48
N GLU A 431 4.77 -2.44 33.64
CA GLU A 431 5.15 -1.10 33.98
C GLU A 431 5.58 -0.28 32.76
N SER A 432 6.02 -0.94 31.68
CA SER A 432 6.52 -0.24 30.51
C SER A 432 5.42 0.30 29.62
N PHE A 433 4.20 -0.20 29.75
CA PHE A 433 3.12 0.15 28.83
C PHE A 433 1.91 0.60 29.63
N GLY A 434 1.41 1.78 29.33
CA GLY A 434 0.27 2.36 30.01
C GLY A 434 -1.05 2.00 29.34
N GLU A 435 -2.00 2.92 29.46
CA GLU A 435 -3.33 2.77 28.87
C GLU A 435 -3.36 3.48 27.52
N TYR A 436 -3.70 2.72 26.47
CA TYR A 436 -3.69 3.23 25.10
C TYR A 436 -5.09 3.10 24.51
N PRO A 437 -5.96 4.09 24.75
CA PRO A 437 -7.35 3.95 24.29
C PRO A 437 -7.48 3.99 22.76
N ASN A 438 -6.62 4.71 22.06
CA ASN A 438 -6.66 4.79 20.61
C ASN A 438 -5.86 3.70 19.92
N LEU A 439 -5.25 2.80 20.68
CA LEU A 439 -4.41 1.75 20.10
C LEU A 439 -5.24 0.81 19.23
N ASN A 440 -4.74 0.56 18.03
CA ASN A 440 -5.36 -0.32 17.05
C ASN A 440 -4.54 -1.59 16.80
N PHE A 441 -3.21 -1.47 16.80
CA PHE A 441 -2.32 -2.58 16.48
C PHE A 441 -1.04 -2.40 17.27
N ILE A 442 -0.60 -3.47 17.95
CA ILE A 442 0.65 -3.45 18.70
C ILE A 442 1.38 -4.78 18.50
N ASP A 443 2.70 -4.70 18.33
CA ASP A 443 3.54 -5.86 18.07
C ASP A 443 4.78 -5.73 18.92
N LEU A 444 4.91 -6.61 19.93
CA LEU A 444 6.09 -6.65 20.79
C LEU A 444 6.95 -7.89 20.53
N SER A 445 6.75 -8.55 19.39
CA SER A 445 7.34 -9.87 19.17
C SER A 445 8.86 -9.81 19.16
N ASN A 446 9.48 -10.93 19.53
CA ASN A 446 10.93 -11.13 19.44
C ASN A 446 11.68 -10.02 20.19
N ASN A 447 11.44 -9.96 21.49
CA ASN A 447 12.10 -9.02 22.39
C ASN A 447 12.41 -9.76 23.69
N LYS A 448 12.81 -9.01 24.72
CA LYS A 448 13.15 -9.56 26.02
C LYS A 448 12.26 -8.99 27.13
N PHE A 449 11.01 -8.67 26.81
CA PHE A 449 10.08 -8.17 27.82
C PHE A 449 9.80 -9.24 28.87
N ARG A 450 9.70 -8.80 30.13
CA ARG A 450 9.43 -9.67 31.26
C ARG A 450 8.21 -9.18 32.03
N GLY A 451 7.76 -9.98 32.98
CA GLY A 451 6.62 -9.61 33.79
C GLY A 451 5.33 -10.23 33.30
N GLN A 452 4.24 -9.79 33.92
CA GLN A 452 2.92 -10.33 33.65
C GLN A 452 2.12 -9.36 32.77
N ILE A 453 1.30 -9.92 31.89
CA ILE A 453 0.40 -9.12 31.07
C ILE A 453 -0.56 -8.36 31.99
N SER A 454 -0.56 -7.03 31.90
CA SER A 454 -1.42 -6.26 32.77
C SER A 454 -2.84 -6.19 32.20
N PRO A 455 -3.86 -6.07 33.05
CA PRO A 455 -5.22 -5.83 32.54
C PRO A 455 -5.40 -4.46 31.93
N LYS A 456 -4.39 -3.59 32.00
CA LYS A 456 -4.52 -2.24 31.41
C LYS A 456 -4.86 -2.33 29.93
N TRP A 457 -4.42 -3.39 29.26
CA TRP A 457 -4.67 -3.53 27.83
C TRP A 457 -6.15 -3.47 27.50
N GLU A 458 -7.00 -3.91 28.44
CA GLU A 458 -8.43 -3.97 28.19
C GLU A 458 -9.02 -2.61 27.82
N LYS A 459 -8.38 -1.52 28.24
CA LYS A 459 -8.85 -0.18 27.90
C LYS A 459 -8.50 0.21 26.47
N SER A 460 -7.69 -0.59 25.77
CA SER A 460 -7.51 -0.46 24.33
C SER A 460 -8.72 -1.11 23.65
N ARG A 461 -9.86 -0.44 23.79
CA ARG A 461 -11.12 -0.94 23.25
C ARG A 461 -11.16 -0.97 21.73
N LYS A 462 -10.20 -0.32 21.06
CA LYS A 462 -10.11 -0.35 19.60
C LYS A 462 -9.06 -1.34 19.10
N LEU A 463 -8.32 -1.98 20.00
CA LEU A 463 -7.22 -2.86 19.62
C LEU A 463 -7.74 -4.12 18.91
N VAL A 464 -7.32 -4.31 17.66
CA VAL A 464 -7.73 -5.48 16.90
C VAL A 464 -6.66 -6.56 16.79
N ALA A 465 -5.40 -6.24 17.06
CA ALA A 465 -4.33 -7.23 17.04
C ALA A 465 -3.36 -6.96 18.18
N PHE A 466 -3.08 -8.01 18.96
CA PHE A 466 -2.10 -7.96 20.04
C PHE A 466 -1.12 -9.12 19.84
N ILE A 467 0.10 -8.79 19.42
CA ILE A 467 1.12 -9.80 19.10
C ILE A 467 2.32 -9.57 20.00
N ALA A 468 2.65 -10.56 20.83
CA ALA A 468 3.80 -10.50 21.73
C ALA A 468 4.58 -11.81 21.73
N THR A 469 4.79 -12.40 20.56
CA THR A 469 5.53 -13.65 20.45
C THR A 469 6.97 -13.48 20.93
N ASP A 470 7.54 -14.57 21.44
CA ASP A 470 8.99 -14.69 21.65
C ASP A 470 9.50 -13.67 22.66
N ASN A 471 8.86 -13.62 23.82
CA ASN A 471 9.31 -12.78 24.93
C ASN A 471 9.44 -13.66 26.16
N ASN A 472 9.78 -13.03 27.28
CA ASN A 472 9.91 -13.70 28.56
C ASN A 472 8.73 -13.38 29.49
N ILE A 473 7.54 -13.24 28.89
CA ILE A 473 6.33 -12.97 29.66
C ILE A 473 5.97 -14.18 30.50
N THR A 474 5.68 -13.95 31.77
CA THR A 474 5.32 -15.01 32.70
C THR A 474 3.99 -14.67 33.35
N GLY A 475 3.53 -15.58 34.22
CA GLY A 475 2.28 -15.39 34.91
C GLY A 475 1.10 -15.85 34.08
N PRO A 476 -0.10 -15.56 34.53
CA PRO A 476 -1.30 -15.91 33.78
C PRO A 476 -1.72 -14.81 32.81
N ILE A 477 -2.63 -15.18 31.92
CA ILE A 477 -3.33 -14.20 31.10
C ILE A 477 -4.43 -13.58 31.97
N PRO A 478 -4.43 -12.27 32.18
CA PRO A 478 -5.51 -11.64 32.95
C PRO A 478 -6.85 -11.88 32.28
N PRO A 479 -7.90 -12.13 33.08
CA PRO A 479 -9.20 -12.46 32.48
C PRO A 479 -9.80 -11.32 31.67
N GLU A 480 -9.36 -10.07 31.91
CA GLU A 480 -9.88 -8.94 31.15
C GLU A 480 -9.53 -9.04 29.68
N ILE A 481 -8.52 -9.83 29.33
CA ILE A 481 -8.15 -9.98 27.93
C ILE A 481 -9.30 -10.61 27.15
N TRP A 482 -10.03 -11.53 27.79
CA TRP A 482 -11.16 -12.17 27.11
C TRP A 482 -12.35 -11.24 26.97
N ASN A 483 -12.35 -10.10 27.67
CA ASN A 483 -13.38 -9.09 27.51
C ASN A 483 -13.17 -8.22 26.27
N MET A 484 -12.12 -8.49 25.49
CA MET A 484 -11.82 -7.70 24.30
C MET A 484 -12.51 -8.33 23.08
N THR A 485 -13.82 -8.10 22.99
CA THR A 485 -14.59 -8.70 21.90
C THR A 485 -14.17 -8.17 20.54
N GLN A 486 -13.55 -6.99 20.49
CA GLN A 486 -13.05 -6.43 19.23
C GLN A 486 -11.73 -7.03 18.79
N LEU A 487 -11.09 -7.85 19.63
CA LEU A 487 -9.82 -8.47 19.27
C LEU A 487 -9.99 -9.42 18.10
N ASN A 488 -9.21 -9.19 17.04
CA ASN A 488 -9.23 -10.04 15.85
C ASN A 488 -8.10 -11.06 15.84
N GLN A 489 -6.97 -10.72 16.42
CA GLN A 489 -5.78 -11.56 16.37
C GLN A 489 -5.05 -11.42 17.69
N LEU A 490 -4.84 -12.54 18.38
CA LEU A 490 -4.17 -12.55 19.68
C LEU A 490 -3.05 -13.59 19.65
N ASP A 491 -1.81 -13.12 19.72
CA ASP A 491 -0.63 -13.98 19.60
C ASP A 491 0.27 -13.76 20.81
N LEU A 492 0.22 -14.69 21.76
CA LEU A 492 1.11 -14.68 22.91
C LEU A 492 2.05 -15.87 22.90
N SER A 493 2.33 -16.42 21.72
CA SER A 493 3.07 -17.66 21.60
C SER A 493 4.54 -17.48 21.96
N SER A 494 5.17 -18.60 22.34
CA SER A 494 6.61 -18.66 22.63
C SER A 494 6.97 -17.75 23.81
N ASN A 495 6.21 -17.88 24.89
CA ASN A 495 6.43 -17.16 26.13
C ASN A 495 6.49 -18.18 27.27
N ASN A 496 6.46 -17.71 28.51
CA ASN A 496 6.42 -18.60 29.67
C ASN A 496 5.15 -18.35 30.47
N ILE A 497 4.02 -18.19 29.78
CA ILE A 497 2.74 -17.98 30.43
C ILE A 497 2.24 -19.29 31.01
N SER A 498 1.68 -19.22 32.22
CA SER A 498 1.19 -20.40 32.94
C SER A 498 -0.26 -20.21 33.34
N GLY A 499 -0.82 -21.24 33.96
CA GLY A 499 -2.20 -21.24 34.40
C GLY A 499 -3.11 -22.00 33.46
N GLU A 500 -4.37 -22.10 33.87
CA GLU A 500 -5.42 -22.74 33.07
C GLU A 500 -6.28 -21.69 32.38
N LEU A 501 -6.61 -21.93 31.11
CA LEU A 501 -7.49 -21.03 30.37
C LEU A 501 -8.91 -21.12 30.93
N PRO A 502 -9.53 -20.00 31.29
CA PRO A 502 -10.89 -20.05 31.81
C PRO A 502 -11.89 -20.23 30.69
N GLU A 503 -13.12 -20.58 31.07
CA GLU A 503 -14.18 -20.74 30.08
C GLU A 503 -14.63 -19.41 29.47
N THR A 504 -14.25 -18.28 30.07
CA THR A 504 -14.60 -16.96 29.55
C THR A 504 -13.84 -16.61 28.29
N ILE A 505 -12.96 -17.49 27.82
CA ILE A 505 -12.29 -17.31 26.54
C ILE A 505 -13.30 -17.27 25.40
N SER A 506 -14.52 -17.76 25.63
CA SER A 506 -15.56 -17.76 24.61
C SER A 506 -15.98 -16.35 24.21
N LYS A 507 -15.65 -15.34 25.02
CA LYS A 507 -16.09 -13.98 24.75
C LYS A 507 -15.36 -13.33 23.58
N LEU A 508 -14.26 -13.90 23.10
CA LEU A 508 -13.54 -13.36 21.95
C LEU A 508 -14.30 -13.74 20.67
N THR A 509 -15.40 -13.01 20.43
CA THR A 509 -16.29 -13.36 19.33
C THR A 509 -15.61 -13.17 17.98
N ARG A 510 -14.79 -12.13 17.84
CA ARG A 510 -14.25 -11.73 16.54
C ARG A 510 -12.82 -12.18 16.33
N VAL A 511 -12.26 -12.99 17.22
CA VAL A 511 -10.90 -13.47 17.01
C VAL A 511 -10.90 -14.52 15.91
N SER A 512 -9.94 -14.41 14.99
CA SER A 512 -9.76 -15.38 13.91
C SER A 512 -8.40 -16.04 13.91
N LYS A 513 -7.39 -15.43 14.51
CA LYS A 513 -6.06 -16.03 14.66
C LYS A 513 -5.74 -16.01 16.15
N LEU A 514 -5.81 -17.18 16.79
CA LEU A 514 -5.49 -17.33 18.20
C LEU A 514 -4.26 -18.24 18.33
N GLN A 515 -3.17 -17.68 18.88
CA GLN A 515 -1.92 -18.40 19.04
C GLN A 515 -1.46 -18.26 20.49
N LEU A 516 -1.60 -19.34 21.26
CA LEU A 516 -1.10 -19.41 22.63
C LEU A 516 -0.05 -20.51 22.78
N ASN A 517 0.46 -21.01 21.67
CA ASN A 517 1.38 -22.14 21.68
C ASN A 517 2.74 -21.75 22.26
N GLY A 518 3.51 -22.76 22.64
CA GLY A 518 4.84 -22.47 23.16
C GLY A 518 4.84 -21.85 24.53
N ASN A 519 3.88 -22.20 25.37
CA ASN A 519 3.79 -21.69 26.73
C ASN A 519 3.70 -22.87 27.69
N GLN A 520 3.42 -22.59 28.95
CA GLN A 520 3.20 -23.64 29.94
C GLN A 520 1.77 -23.60 30.48
N LEU A 521 0.81 -23.30 29.61
CA LEU A 521 -0.59 -23.37 29.99
C LEU A 521 -0.98 -24.81 30.30
N SER A 522 -1.71 -24.99 31.40
CA SER A 522 -2.04 -26.32 31.90
C SER A 522 -3.56 -26.51 32.02
N GLY A 523 -3.96 -27.64 32.57
CA GLY A 523 -5.37 -27.96 32.70
C GLY A 523 -6.01 -28.38 31.39
N ARG A 524 -7.33 -28.48 31.43
CA ARG A 524 -8.09 -28.87 30.24
C ARG A 524 -8.17 -27.70 29.26
N ILE A 525 -8.28 -28.03 27.98
CA ILE A 525 -8.62 -27.03 26.97
C ILE A 525 -10.06 -26.59 27.24
N PRO A 526 -10.31 -25.30 27.41
CA PRO A 526 -11.67 -24.86 27.74
C PRO A 526 -12.65 -25.14 26.62
N SER A 527 -13.85 -25.64 27.00
CA SER A 527 -14.89 -25.87 26.01
C SER A 527 -15.35 -24.58 25.35
N GLY A 528 -15.10 -23.43 25.97
CA GLY A 528 -15.56 -22.15 25.45
C GLY A 528 -14.99 -21.79 24.10
N ILE A 529 -13.91 -22.45 23.69
CA ILE A 529 -13.35 -22.21 22.36
C ILE A 529 -14.37 -22.50 21.27
N ARG A 530 -15.35 -23.35 21.59
CA ARG A 530 -16.55 -23.60 20.77
C ARG A 530 -17.14 -22.32 20.21
N SER A 531 -17.20 -21.28 21.04
CA SER A 531 -17.94 -20.06 20.72
C SER A 531 -17.16 -19.11 19.81
N LEU A 532 -15.87 -19.34 19.60
CA LEU A 532 -15.06 -18.46 18.75
C LEU A 532 -15.39 -18.79 17.30
N ALA A 533 -16.55 -18.29 16.86
CA ALA A 533 -17.08 -18.67 15.55
C ALA A 533 -16.19 -18.19 14.43
N ASN A 534 -15.63 -16.98 14.55
CA ASN A 534 -14.77 -16.42 13.51
C ASN A 534 -13.38 -17.03 13.50
N LEU A 535 -13.08 -17.97 14.40
CA LEU A 535 -11.75 -18.55 14.47
C LEU A 535 -11.41 -19.25 13.17
N GLU A 536 -10.28 -18.87 12.57
CA GLU A 536 -9.75 -19.52 11.39
C GLU A 536 -8.44 -20.25 11.63
N TYR A 537 -7.64 -19.80 12.59
CA TYR A 537 -6.29 -20.31 12.83
C TYR A 537 -6.11 -20.42 14.34
N LEU A 538 -6.08 -21.65 14.85
CA LEU A 538 -5.98 -21.90 16.29
C LEU A 538 -4.75 -22.75 16.54
N ASP A 539 -3.86 -22.28 17.41
CA ASP A 539 -2.64 -23.00 17.75
C ASP A 539 -2.47 -23.01 19.26
N LEU A 540 -2.72 -24.17 19.87
CA LEU A 540 -2.50 -24.38 21.29
C LEU A 540 -1.38 -25.39 21.54
N SER A 541 -0.47 -25.54 20.59
CA SER A 541 0.54 -26.58 20.66
C SER A 541 1.62 -26.22 21.68
N SER A 542 2.48 -27.20 21.98
CA SER A 542 3.65 -27.00 22.84
C SER A 542 3.27 -26.36 24.17
N ASN A 543 2.32 -26.97 24.85
CA ASN A 543 1.77 -26.48 26.12
C ASN A 543 1.64 -27.68 27.06
N ARG A 544 0.96 -27.48 28.19
CA ARG A 544 0.76 -28.54 29.15
C ARG A 544 -0.73 -28.89 29.30
N PHE A 545 -1.52 -28.65 28.26
CA PHE A 545 -2.93 -29.01 28.30
C PHE A 545 -3.06 -30.51 28.50
N SER A 546 -3.93 -30.93 29.42
CA SER A 546 -4.09 -32.32 29.78
C SER A 546 -5.54 -32.75 29.57
N PHE A 547 -5.80 -34.04 29.81
CA PHE A 547 -7.11 -34.66 29.68
C PHE A 547 -7.62 -34.62 28.24
N GLN A 548 -8.90 -34.94 28.06
CA GLN A 548 -9.43 -35.18 26.72
C GLN A 548 -9.72 -33.88 25.99
N ILE A 549 -9.56 -33.93 24.66
CA ILE A 549 -9.98 -32.81 23.82
C ILE A 549 -11.47 -32.60 23.98
N PRO A 550 -11.96 -31.36 24.14
CA PRO A 550 -13.38 -31.14 24.37
C PRO A 550 -14.26 -31.79 23.31
N ALA A 551 -15.16 -32.68 23.76
CA ALA A 551 -16.02 -33.39 22.83
C ALA A 551 -16.98 -32.45 22.11
N THR A 552 -17.32 -31.33 22.74
CA THR A 552 -18.27 -30.38 22.18
C THR A 552 -17.66 -29.47 21.12
N LEU A 553 -16.33 -29.52 20.92
CA LEU A 553 -15.64 -28.58 20.03
C LEU A 553 -15.91 -28.97 18.58
N ASP A 554 -17.06 -28.53 18.08
CA ASP A 554 -17.51 -28.87 16.73
C ASP A 554 -18.12 -27.71 15.96
N SER A 555 -18.03 -26.47 16.46
CA SER A 555 -18.80 -25.35 15.93
C SER A 555 -17.90 -24.23 15.43
N LEU A 556 -16.84 -24.58 14.71
CA LEU A 556 -15.88 -23.61 14.18
C LEU A 556 -15.92 -23.70 12.65
N PRO A 557 -16.88 -23.04 12.00
CA PRO A 557 -17.04 -23.22 10.55
C PRO A 557 -15.97 -22.55 9.72
N ARG A 558 -15.29 -21.52 10.24
CA ARG A 558 -14.25 -20.84 9.50
C ARG A 558 -12.86 -21.42 9.76
N LEU A 559 -12.74 -22.40 10.66
CA LEU A 559 -11.43 -22.90 11.08
C LEU A 559 -10.83 -23.80 10.01
N TYR A 560 -9.64 -23.44 9.54
CA TYR A 560 -8.91 -24.26 8.58
C TYR A 560 -7.59 -24.79 9.13
N TYR A 561 -7.19 -24.40 10.33
CA TYR A 561 -5.92 -24.83 10.91
C TYR A 561 -6.10 -25.00 12.41
N MET A 562 -5.78 -26.19 12.91
CA MET A 562 -5.80 -26.46 14.35
C MET A 562 -4.56 -27.27 14.72
N ASN A 563 -3.74 -26.73 15.62
CA ASN A 563 -2.52 -27.38 16.06
C ASN A 563 -2.58 -27.55 17.58
N LEU A 564 -2.91 -28.77 18.03
CA LEU A 564 -2.93 -29.13 19.43
C LEU A 564 -1.76 -30.03 19.80
N SER A 565 -0.74 -30.08 18.94
CA SER A 565 0.35 -31.02 19.11
C SER A 565 1.21 -30.68 20.32
N ARG A 566 2.02 -31.66 20.74
CA ARG A 566 3.00 -31.47 21.81
C ARG A 566 2.33 -30.99 23.10
N ASN A 567 1.31 -31.73 23.52
CA ASN A 567 0.58 -31.47 24.75
C ASN A 567 0.46 -32.77 25.55
N ASP A 568 -0.32 -32.73 26.63
CA ASP A 568 -0.59 -33.89 27.48
C ASP A 568 -1.99 -34.44 27.29
N LEU A 569 -2.61 -34.17 26.13
CA LEU A 569 -3.96 -34.64 25.86
C LEU A 569 -3.98 -36.15 25.69
N ASP A 570 -5.11 -36.76 26.07
CA ASP A 570 -5.24 -38.21 26.00
C ASP A 570 -6.68 -38.58 25.67
N GLN A 571 -6.98 -39.88 25.76
CA GLN A 571 -8.28 -40.46 25.42
C GLN A 571 -8.55 -40.40 23.93
N ASN A 572 -9.75 -40.81 23.51
CA ASN A 572 -10.06 -40.91 22.09
C ASN A 572 -10.08 -39.54 21.42
N ILE A 573 -9.85 -39.54 20.11
CA ILE A 573 -10.01 -38.35 19.29
C ILE A 573 -11.52 -38.08 19.19
N PRO A 574 -11.99 -36.93 19.66
CA PRO A 574 -13.45 -36.70 19.71
C PRO A 574 -14.06 -36.57 18.33
N MET A 575 -15.29 -37.07 18.21
CA MET A 575 -16.01 -37.02 16.94
C MET A 575 -16.37 -35.60 16.53
N GLY A 576 -16.35 -34.65 17.47
CA GLY A 576 -16.70 -33.28 17.15
C GLY A 576 -15.72 -32.63 16.18
N LEU A 577 -14.46 -33.06 16.21
CA LEU A 577 -13.47 -32.48 15.30
C LEU A 577 -13.81 -32.74 13.85
N THR A 578 -14.51 -33.85 13.57
CA THR A 578 -14.85 -34.20 12.20
C THR A 578 -15.95 -33.31 11.63
N LYS A 579 -16.56 -32.45 12.44
CA LYS A 579 -17.59 -31.54 11.97
C LYS A 579 -17.05 -30.17 11.58
N LEU A 580 -15.77 -29.90 11.84
CA LEU A 580 -15.13 -28.67 11.38
C LEU A 580 -14.72 -28.89 9.93
N SER A 581 -15.69 -28.65 9.03
CA SER A 581 -15.55 -29.05 7.63
C SER A 581 -14.40 -28.33 6.95
N GLN A 582 -14.23 -27.04 7.23
CA GLN A 582 -13.24 -26.21 6.55
C GLN A 582 -11.81 -26.52 6.97
N LEU A 583 -11.57 -27.53 7.80
CA LEU A 583 -10.22 -27.85 8.25
C LEU A 583 -9.34 -28.26 7.08
N GLN A 584 -8.23 -27.55 6.89
CA GLN A 584 -7.21 -27.89 5.90
C GLN A 584 -6.00 -28.58 6.51
N THR A 585 -5.60 -28.18 7.71
CA THR A 585 -4.44 -28.72 8.40
C THR A 585 -4.82 -29.06 9.83
N LEU A 586 -4.57 -30.30 10.23
CA LEU A 586 -4.91 -30.79 11.57
C LEU A 586 -3.72 -31.52 12.16
N ASP A 587 -3.20 -31.02 13.28
CA ASP A 587 -2.02 -31.59 13.93
C ASP A 587 -2.37 -31.90 15.39
N LEU A 588 -2.55 -33.19 15.68
CA LEU A 588 -2.75 -33.66 17.05
C LEU A 588 -1.58 -34.53 17.52
N SER A 589 -0.40 -34.30 16.96
CA SER A 589 0.74 -35.18 17.21
C SER A 589 1.31 -34.94 18.61
N HIS A 590 2.17 -35.86 19.04
CA HIS A 590 2.93 -35.74 20.29
C HIS A 590 2.01 -35.53 21.49
N ASN A 591 1.08 -36.47 21.64
CA ASN A 591 0.09 -36.45 22.69
C ASN A 591 -0.08 -37.89 23.17
N ASN A 592 -1.11 -38.14 23.96
CA ASN A 592 -1.37 -39.48 24.48
C ASN A 592 -2.76 -39.97 24.08
N LEU A 593 -3.25 -39.53 22.92
CA LEU A 593 -4.56 -39.98 22.45
C LEU A 593 -4.53 -41.48 22.16
N ASP A 594 -5.63 -42.16 22.46
CA ASP A 594 -5.74 -43.60 22.23
C ASP A 594 -6.98 -43.95 21.42
N GLY A 595 -7.27 -45.24 21.28
CA GLY A 595 -8.41 -45.67 20.53
C GLY A 595 -8.15 -45.63 19.03
N GLU A 596 -9.24 -45.71 18.27
CA GLU A 596 -9.16 -45.81 16.82
C GLU A 596 -9.38 -44.43 16.18
N ILE A 597 -8.75 -44.24 15.03
CA ILE A 597 -8.99 -43.04 14.22
C ILE A 597 -10.40 -43.17 13.66
N PRO A 598 -11.29 -42.21 13.93
CA PRO A 598 -12.70 -42.39 13.56
C PRO A 598 -12.89 -42.46 12.05
N SER A 599 -13.92 -43.21 11.65
CA SER A 599 -14.28 -43.30 10.24
C SER A 599 -14.98 -42.04 9.74
N GLN A 600 -15.35 -41.14 10.66
CA GLN A 600 -16.00 -39.88 10.30
C GLN A 600 -15.01 -38.82 9.84
N PHE A 601 -13.72 -39.15 9.75
CA PHE A 601 -12.75 -38.24 9.16
C PHE A 601 -13.03 -37.98 7.69
N THR A 602 -13.93 -38.75 7.07
CA THR A 602 -14.34 -38.51 5.70
C THR A 602 -15.06 -37.19 5.52
N SER A 603 -15.65 -36.65 6.59
CA SER A 603 -16.34 -35.37 6.50
C SER A 603 -15.37 -34.20 6.36
N LEU A 604 -14.07 -34.46 6.50
CA LEU A 604 -13.04 -33.44 6.28
C LEU A 604 -12.52 -33.53 4.86
N GLN A 605 -13.41 -33.19 3.92
CA GLN A 605 -13.04 -33.25 2.50
C GLN A 605 -11.96 -32.24 2.16
N ASN A 606 -11.91 -31.13 2.89
CA ASN A 606 -10.90 -30.10 2.67
C ASN A 606 -9.59 -30.40 3.38
N LEU A 607 -9.53 -31.46 4.18
CA LEU A 607 -8.33 -31.76 4.95
C LEU A 607 -7.21 -32.18 4.03
N GLU A 608 -6.09 -31.46 4.10
CA GLU A 608 -4.91 -31.73 3.30
C GLU A 608 -3.78 -32.33 4.11
N LYS A 609 -3.43 -31.71 5.24
CA LYS A 609 -2.38 -32.17 6.12
C LYS A 609 -2.97 -32.73 7.41
N LEU A 610 -2.54 -33.94 7.79
CA LEU A 610 -3.07 -34.64 8.95
C LEU A 610 -1.90 -35.29 9.68
N TYR A 611 -1.52 -34.76 10.83
CA TYR A 611 -0.40 -35.27 11.62
C TYR A 611 -0.94 -35.88 12.91
N LEU A 612 -0.77 -37.20 13.05
CA LEU A 612 -1.25 -37.94 14.22
C LEU A 612 -0.13 -38.73 14.90
N GLN A 613 1.13 -38.37 14.68
CA GLN A 613 2.22 -39.21 15.11
C GLN A 613 2.48 -39.04 16.61
N HIS A 614 3.17 -40.03 17.19
CA HIS A 614 3.56 -40.02 18.60
C HIS A 614 2.35 -39.93 19.53
N ASN A 615 1.49 -40.94 19.39
CA ASN A 615 0.28 -41.08 20.19
C ASN A 615 0.15 -42.58 20.51
N ASN A 616 -1.01 -42.97 21.03
CA ASN A 616 -1.27 -44.36 21.36
C ASN A 616 -2.54 -44.83 20.68
N LEU A 617 -2.72 -44.45 19.42
CA LEU A 617 -3.88 -44.85 18.64
C LEU A 617 -3.78 -46.33 18.25
N SER A 618 -4.94 -46.92 17.99
CA SER A 618 -5.03 -48.36 17.73
C SER A 618 -5.96 -48.64 16.57
N GLY A 619 -6.00 -49.91 16.16
CA GLY A 619 -6.95 -50.38 15.18
C GLY A 619 -6.57 -50.06 13.75
N PRO A 620 -7.53 -50.20 12.83
CA PRO A 620 -7.26 -49.99 11.42
C PRO A 620 -7.50 -48.54 10.99
N ILE A 621 -6.71 -48.10 10.01
CA ILE A 621 -7.01 -46.86 9.32
C ILE A 621 -8.36 -47.10 8.66
N PRO A 622 -9.39 -46.30 8.97
CA PRO A 622 -10.75 -46.67 8.57
C PRO A 622 -10.90 -46.80 7.06
N SER A 623 -11.65 -47.80 6.63
CA SER A 623 -11.96 -47.97 5.22
C SER A 623 -12.96 -46.90 4.83
N SER A 624 -12.46 -45.82 4.22
CA SER A 624 -13.19 -44.57 4.04
C SER A 624 -12.19 -43.46 3.69
N PHE A 625 -10.91 -43.68 3.98
CA PHE A 625 -9.90 -42.67 3.70
C PHE A 625 -9.74 -42.44 2.21
N SER A 626 -10.12 -43.41 1.39
CA SER A 626 -10.19 -43.18 -0.06
C SER A 626 -11.13 -42.01 -0.37
N GLU A 627 -12.25 -41.92 0.33
CA GLU A 627 -13.18 -40.82 0.13
C GLU A 627 -12.52 -39.46 0.29
N MET A 628 -11.54 -39.33 1.18
CA MET A 628 -10.80 -38.08 1.33
C MET A 628 -9.79 -37.95 0.18
N LYS A 629 -9.76 -36.78 -0.44
CA LYS A 629 -9.01 -36.58 -1.68
C LYS A 629 -7.83 -35.64 -1.56
N SER A 630 -7.93 -34.59 -0.75
CA SER A 630 -6.87 -33.59 -0.64
C SER A 630 -5.76 -34.02 0.30
N LEU A 631 -5.83 -35.24 0.81
CA LEU A 631 -4.87 -35.73 1.78
C LEU A 631 -3.52 -35.96 1.11
N THR A 632 -2.55 -35.09 1.38
CA THR A 632 -1.21 -35.20 0.81
C THR A 632 -0.11 -35.46 1.83
N HIS A 633 -0.13 -34.78 2.97
CA HIS A 633 0.90 -34.93 4.00
C HIS A 633 0.27 -35.55 5.24
N VAL A 634 0.56 -36.83 5.49
CA VAL A 634 0.03 -37.55 6.64
C VAL A 634 1.15 -38.28 7.36
N ASP A 635 1.19 -38.13 8.69
CA ASP A 635 2.06 -38.90 9.56
C ASP A 635 1.19 -39.62 10.59
N VAL A 636 1.25 -40.94 10.61
CA VAL A 636 0.52 -41.77 11.58
C VAL A 636 1.50 -42.67 12.31
N SER A 637 2.76 -42.24 12.37
CA SER A 637 3.81 -43.08 12.92
C SER A 637 3.73 -43.16 14.43
N HIS A 638 4.38 -44.20 14.98
CA HIS A 638 4.53 -44.39 16.42
C HIS A 638 3.18 -44.46 17.13
N ASN A 639 2.28 -45.27 16.57
CA ASN A 639 1.01 -45.58 17.18
C ASN A 639 0.84 -47.10 17.19
N ASN A 640 -0.18 -47.57 17.90
CA ASN A 640 -0.47 -49.00 17.96
C ASN A 640 -1.43 -49.47 16.86
N LEU A 641 -1.55 -48.73 15.76
CA LEU A 641 -2.51 -49.13 14.74
C LEU A 641 -2.02 -50.36 13.98
N GLU A 642 -2.96 -51.03 13.32
CA GLU A 642 -2.68 -52.24 12.58
C GLU A 642 -3.55 -52.27 11.32
N GLY A 643 -3.18 -53.14 10.39
CA GLY A 643 -3.95 -53.33 9.19
C GLY A 643 -3.33 -52.64 7.98
N PRO A 644 -4.09 -52.55 6.90
CA PRO A 644 -3.57 -51.97 5.66
C PRO A 644 -3.78 -50.46 5.55
N ILE A 645 -2.85 -49.82 4.86
CA ILE A 645 -2.98 -48.40 4.56
C ILE A 645 -4.11 -48.21 3.55
N PRO A 646 -4.82 -47.10 3.61
CA PRO A 646 -5.96 -46.91 2.68
C PRO A 646 -5.55 -46.28 1.36
N ASP A 647 -6.52 -46.06 0.48
CA ASP A 647 -6.25 -45.64 -0.90
C ASP A 647 -6.35 -44.13 -1.03
N ASN A 648 -5.21 -43.45 -0.99
CA ASN A 648 -5.08 -42.04 -1.37
C ASN A 648 -3.59 -41.77 -1.46
N ALA A 649 -3.26 -40.57 -1.96
CA ALA A 649 -1.87 -40.28 -2.26
C ALA A 649 -0.98 -40.46 -1.03
N ALA A 650 -1.26 -39.71 0.04
CA ALA A 650 -0.28 -39.51 1.10
C ALA A 650 0.31 -40.82 1.61
N PHE A 651 -0.52 -41.87 1.71
CA PHE A 651 0.00 -43.17 2.11
C PHE A 651 0.92 -43.78 1.05
N LYS A 652 0.60 -43.61 -0.24
CA LYS A 652 1.55 -44.01 -1.27
C LYS A 652 2.82 -43.18 -1.22
N ASN A 653 2.70 -41.87 -0.99
CA ASN A 653 3.83 -40.95 -0.99
C ASN A 653 4.54 -40.87 0.34
N ALA A 654 4.09 -41.61 1.34
CA ALA A 654 4.70 -41.55 2.66
C ALA A 654 6.12 -42.10 2.65
N ARG A 655 6.96 -41.49 3.47
CA ARG A 655 8.33 -41.94 3.67
C ARG A 655 8.36 -42.98 4.78
N PRO A 656 9.51 -43.62 5.04
CA PRO A 656 9.55 -44.60 6.13
C PRO A 656 9.16 -44.00 7.47
N ASP A 657 9.65 -42.80 7.79
CA ASP A 657 9.32 -42.18 9.07
C ASP A 657 7.83 -41.87 9.18
N ALA A 658 7.19 -41.51 8.07
CA ALA A 658 5.77 -41.14 8.11
C ALA A 658 4.91 -42.31 8.57
N LEU A 659 5.25 -43.54 8.19
CA LEU A 659 4.39 -44.68 8.46
C LEU A 659 4.97 -45.67 9.45
N GLU A 660 6.15 -45.43 10.02
CA GLU A 660 6.82 -46.44 10.82
C GLU A 660 6.23 -46.53 12.23
N GLY A 661 6.60 -47.60 12.94
CA GLY A 661 6.36 -47.72 14.36
C GLY A 661 5.03 -48.31 14.77
N ASN A 662 4.11 -48.52 13.82
CA ASN A 662 2.82 -49.10 14.16
C ASN A 662 2.93 -50.62 14.30
N ARG A 663 1.94 -51.19 15.00
CA ARG A 663 2.00 -52.59 15.39
C ARG A 663 2.04 -53.53 14.19
N ASP A 664 1.01 -53.49 13.34
CA ASP A 664 0.91 -54.39 12.18
C ASP A 664 0.57 -53.56 10.93
N LEU A 665 1.58 -53.11 10.24
CA LEU A 665 1.43 -52.21 9.11
C LEU A 665 1.22 -52.96 7.80
N CYS A 666 0.13 -52.62 7.12
CA CYS A 666 -0.13 -53.03 5.73
C CYS A 666 -0.53 -54.49 5.63
N GLY A 667 -1.25 -54.83 4.57
CA GLY A 667 -1.66 -56.21 4.35
C GLY A 667 -0.50 -57.12 4.02
N SER A 668 0.54 -56.58 3.37
CA SER A 668 1.72 -57.36 3.01
C SER A 668 2.97 -56.84 3.71
N ASN A 669 2.81 -56.28 4.91
CA ASN A 669 3.92 -55.86 5.77
C ASN A 669 4.92 -54.97 5.03
N THR A 670 4.41 -53.92 4.38
CA THR A 670 5.25 -53.11 3.52
C THR A 670 5.56 -51.75 4.16
N THR A 671 6.78 -51.29 3.92
CA THR A 671 7.25 -49.93 4.18
C THR A 671 7.44 -49.16 2.88
N GLN A 672 7.74 -49.90 1.81
CA GLN A 672 7.73 -49.44 0.43
C GLN A 672 6.32 -49.66 -0.14
N GLY A 673 6.15 -49.56 -1.46
CA GLY A 673 4.81 -49.57 -2.03
C GLY A 673 4.15 -50.94 -1.88
N LEU A 674 2.82 -50.91 -1.97
CA LEU A 674 1.87 -51.99 -1.63
C LEU A 674 2.48 -53.20 -0.92
C1 NAG B . -16.93 27.14 -20.82
C2 NAG B . -15.87 28.09 -20.29
C3 NAG B . -15.37 27.60 -18.93
C4 NAG B . -16.53 27.40 -17.96
C5 NAG B . -17.62 26.52 -18.59
C6 NAG B . -18.87 26.43 -17.74
C7 NAG B . -14.67 29.18 -22.15
C8 NAG B . -13.45 29.16 -23.01
N2 NAG B . -14.75 28.22 -21.22
O3 NAG B . -14.45 28.57 -18.42
O4 NAG B . -16.09 26.77 -16.76
O5 NAG B . -18.01 27.04 -19.87
O6 NAG B . -19.94 27.19 -18.30
O7 NAG B . -15.56 30.02 -22.30
C1 NAG B . -15.64 27.72 -15.76
C2 NAG B . -15.96 27.21 -14.36
C3 NAG B . -15.41 28.18 -13.30
C4 NAG B . -13.92 28.40 -13.53
C5 NAG B . -13.67 28.90 -14.95
C6 NAG B . -12.21 29.04 -15.29
C7 NAG B . -17.99 25.85 -14.40
C8 NAG B . -19.47 25.82 -14.17
N2 NAG B . -17.39 27.02 -14.18
O3 NAG B . -15.63 27.65 -12.00
O4 NAG B . -13.39 29.34 -12.59
O5 NAG B . -14.21 27.95 -15.90
O6 NAG B . -12.02 29.57 -16.60
O7 NAG B . -17.37 24.85 -14.78
C1 NAG C . -14.01 37.59 -38.82
C2 NAG C . -13.52 38.96 -38.38
C3 NAG C . -13.63 39.96 -39.53
C4 NAG C . -12.91 39.43 -40.77
C5 NAG C . -13.34 37.99 -41.09
C6 NAG C . -12.50 37.37 -42.18
C7 NAG C . -13.86 39.30 -35.96
C8 NAG C . -14.78 39.81 -34.90
N2 NAG C . -14.28 39.43 -37.22
O3 NAG C . -13.06 41.20 -39.14
O4 NAG C . -13.25 40.22 -41.90
O5 NAG C . -13.22 37.15 -39.94
O6 NAG C . -11.67 36.33 -41.66
O7 NAG C . -12.75 38.83 -35.69
C1 NAG C . -12.15 41.02 -42.39
C2 NAG C . -12.41 41.32 -43.86
C3 NAG C . -11.33 42.24 -44.42
C4 NAG C . -11.19 43.49 -43.55
C5 NAG C . -10.96 43.09 -42.09
C6 NAG C . -10.94 44.28 -41.15
C7 NAG C . -13.64 39.49 -44.94
C8 NAG C . -13.54 38.23 -45.74
N2 NAG C . -12.49 40.09 -44.63
O3 NAG C . -11.67 42.61 -45.74
O4 NAG C . -10.09 44.28 -44.00
O5 NAG C . -12.04 42.24 -41.65
O6 NAG C . -12.06 44.28 -40.27
O7 NAG C . -14.72 39.95 -44.59
C1 NAG D . -1.40 5.56 -32.50
C2 NAG D . -0.49 4.56 -33.20
C3 NAG D . -1.06 4.21 -34.58
C4 NAG D . -2.51 3.78 -34.48
C5 NAG D . -3.32 4.82 -33.69
C6 NAG D . -4.74 4.41 -33.39
C7 NAG D . 1.86 4.76 -32.51
C8 NAG D . 1.55 3.72 -31.46
N2 NAG D . 0.85 5.09 -33.32
O3 NAG D . -0.27 3.19 -35.19
O4 NAG D . -3.05 3.66 -35.80
O5 NAG D . -2.70 5.05 -32.42
O6 NAG D . -4.72 3.23 -32.59
O7 NAG D . 2.98 5.25 -32.62
C1 NAG D . -3.90 2.51 -36.01
C2 NAG D . -4.86 2.89 -37.14
C3 NAG D . -5.78 1.72 -37.48
C4 NAG D . -4.97 0.44 -37.71
C5 NAG D . -4.02 0.18 -36.56
C6 NAG D . -3.11 -1.00 -36.79
C7 NAG D . -5.38 5.29 -37.23
C8 NAG D . -4.22 5.42 -38.18
N2 NAG D . -5.64 4.06 -36.78
O3 NAG D . -6.53 2.05 -38.64
O4 NAG D . -5.86 -0.66 -37.82
O5 NAG D . -3.17 1.33 -36.37
O6 NAG D . -1.75 -0.68 -36.49
O7 NAG D . -6.06 6.26 -36.90
C1 BMA D . -5.93 -1.13 -39.19
C2 BMA D . -5.68 -2.66 -39.16
C3 BMA D . -5.72 -3.19 -40.58
C4 BMA D . -7.02 -2.76 -41.30
C5 BMA D . -7.28 -1.23 -41.19
C6 BMA D . -8.67 -0.84 -41.71
O2 BMA D . -6.70 -3.33 -38.42
O3 BMA D . -5.57 -4.61 -40.59
O4 BMA D . -6.96 -3.12 -42.68
O5 BMA D . -7.18 -0.82 -39.80
O6 BMA D . -8.66 0.54 -42.04
C1 FUC D . -6.06 2.89 -32.17
C2 FUC D . -6.13 1.34 -32.07
C3 FUC D . -5.22 0.83 -30.95
C4 FUC D . -5.55 1.55 -29.64
C5 FUC D . -5.47 3.07 -29.84
C6 FUC D . -5.92 3.85 -28.62
O2 FUC D . -5.83 0.69 -33.31
O3 FUC D . -5.41 -0.56 -30.74
O4 FUC D . -6.85 1.17 -29.20
O5 FUC D . -6.32 3.49 -30.93
C1 NAG E . 14.75 0.47 -11.18
C2 NAG E . 15.27 -0.72 -11.97
C3 NAG E . 14.17 -1.75 -12.16
C4 NAG E . 13.55 -2.14 -10.83
C5 NAG E . 13.12 -0.89 -10.05
C6 NAG E . 12.65 -1.21 -8.65
C7 NAG E . 17.13 -0.24 -13.51
C8 NAG E . 18.04 -0.68 -12.41
N2 NAG E . 15.81 -0.29 -13.25
O3 NAG E . 14.70 -2.90 -12.81
O4 NAG E . 12.40 -2.96 -11.03
O5 NAG E . 14.22 0.02 -9.92
O6 NAG E . 11.22 -1.17 -8.56
O7 NAG E . 17.55 0.13 -14.61
C1 NAG E . 12.63 -4.30 -10.54
C2 NAG E . 11.31 -5.05 -10.61
C3 NAG E . 11.48 -6.51 -10.16
C4 NAG E . 12.94 -6.88 -9.88
C5 NAG E . 13.95 -6.28 -10.87
C6 NAG E . 14.13 -7.13 -12.11
C7 NAG E . 10.05 -4.08 -8.63
C8 NAG E . 11.17 -4.44 -7.68
N2 NAG E . 10.20 -4.39 -9.93
O3 NAG E . 10.94 -7.39 -11.15
O4 NAG E . 13.29 -6.53 -8.54
O5 NAG E . 13.59 -4.96 -11.33
O6 NAG E . 15.20 -6.65 -12.92
O7 NAG E . 9.05 -3.51 -8.22
C1 NAG F . 2.34 -27.46 15.38
C2 NAG F . 3.03 -27.58 14.03
C3 NAG F . 4.37 -28.29 14.18
C4 NAG F . 5.22 -27.63 15.25
C5 NAG F . 4.42 -27.46 16.55
C6 NAG F . 5.17 -26.68 17.61
C7 NAG F . 1.89 -27.77 11.87
C8 NAG F . 1.01 -28.62 11.00
N2 NAG F . 2.19 -28.28 13.07
O3 NAG F . 5.04 -28.25 12.93
O4 NAG F . 6.35 -28.43 15.56
O5 NAG F . 3.20 -26.77 16.30
O6 NAG F . 4.31 -26.27 18.65
O7 NAG F . 2.31 -26.68 11.50
C1 NAG F . 7.49 -28.12 14.75
C2 NAG F . 8.73 -28.19 15.63
C3 NAG F . 9.98 -27.98 14.79
C4 NAG F . 10.01 -28.95 13.62
C5 NAG F . 8.72 -28.84 12.81
C6 NAG F . 8.63 -29.87 11.71
C7 NAG F . 8.65 -27.56 18.01
C8 NAG F . 8.57 -26.43 18.98
N2 NAG F . 8.66 -27.22 16.71
O3 NAG F . 11.15 -28.15 15.60
O4 NAG F . 11.11 -28.65 12.76
O5 NAG F . 7.60 -29.05 13.68
O6 NAG F . 7.53 -30.75 11.91
O7 NAG F . 8.68 -28.74 18.37
C1 BMA F . 12.09 -29.71 12.91
C2 BMA F . 12.66 -30.01 11.51
C3 BMA F . 13.70 -31.12 11.64
C4 BMA F . 14.75 -30.79 12.74
C5 BMA F . 14.06 -30.37 14.07
C6 BMA F . 15.06 -29.87 15.12
O2 BMA F . 13.32 -28.87 10.98
O3 BMA F . 14.36 -31.39 10.38
O4 BMA F . 15.58 -31.91 12.98
O5 BMA F . 13.12 -29.32 13.81
O6 BMA F . 15.60 -28.63 14.69
C1 NAG G . -1.63 -47.58 25.12
C2 NAG G . -1.11 -47.69 26.56
C3 NAG G . -1.27 -49.13 27.08
C4 NAG G . -2.71 -49.62 26.90
C5 NAG G . -3.15 -49.41 25.45
C6 NAG G . -4.61 -49.75 25.21
C7 NAG G . 0.66 -46.05 27.05
C8 NAG G . 2.13 -45.80 27.07
N2 NAG G . 0.28 -47.27 26.64
O3 NAG G . -0.89 -49.18 28.45
O4 NAG G . -2.77 -51.01 27.21
O5 NAG G . -2.99 -48.04 25.07
O6 NAG G . -5.37 -49.83 26.41
O7 NAG G . -0.15 -45.20 27.40
C1 NAG G . -3.54 -51.25 28.41
C2 NAG G . -3.97 -52.73 28.40
C3 NAG G . -4.75 -53.06 29.67
C4 NAG G . -3.96 -52.66 30.91
C5 NAG G . -3.54 -51.19 30.82
C6 NAG G . -2.66 -50.74 31.97
C7 NAG G . -4.28 -53.66 26.15
C8 NAG G . -5.25 -53.89 25.03
N2 NAG G . -4.77 -53.03 27.23
O3 NAG G . -5.05 -54.45 29.72
O4 NAG G . -4.73 -52.86 32.09
O5 NAG G . -2.78 -50.98 29.61
O6 NAG G . -3.08 -49.49 32.47
O7 NAG G . -3.12 -54.05 26.10
C1 FUC G . -6.50 -48.91 26.39
C2 FUC G . -7.38 -49.12 25.11
C3 FUC G . -8.77 -48.44 25.24
C4 FUC G . -8.87 -47.50 26.48
C5 FUC G . -8.43 -48.23 27.77
C6 FUC G . -8.12 -47.28 28.92
O2 FUC G . -7.55 -50.50 24.76
O3 FUC G . -9.06 -47.67 24.07
O4 FUC G . -8.13 -46.30 26.29
O5 FUC G . -7.26 -49.08 27.59
C1 NAG H . -24.51 4.54 -30.04
C2 NAG H . -23.21 4.08 -30.69
C3 NAG H . -23.19 2.55 -30.83
C4 NAG H . -23.44 1.90 -29.48
C5 NAG H . -24.74 2.44 -28.87
C6 NAG H . -25.00 1.91 -27.48
C7 NAG H . -23.79 4.62 -33.04
C8 NAG H . -23.36 5.38 -34.26
N2 NAG H . -22.99 4.73 -31.98
O3 NAG H . -21.94 2.12 -31.35
O4 NAG H . -23.53 0.49 -29.61
O5 NAG H . -24.69 3.87 -28.77
O6 NAG H . -23.95 2.24 -26.57
O7 NAG H . -24.81 3.94 -33.02
C1 NAG I . 14.80 27.84 -29.35
C2 NAG I . 15.21 26.79 -30.39
C3 NAG I . 16.52 27.21 -31.08
C4 NAG I . 16.40 28.61 -31.67
C5 NAG I . 15.98 29.59 -30.58
C6 NAG I . 15.75 30.99 -31.11
C7 NAG I . 14.82 24.37 -30.34
C8 NAG I . 15.09 23.09 -29.62
N2 NAG I . 15.36 25.47 -29.79
O3 NAG I . 16.87 26.28 -32.10
O4 NAG I . 17.64 29.00 -32.23
O5 NAG I . 14.75 29.16 -29.97
O6 NAG I . 16.69 31.34 -32.11
O7 NAG I . 14.14 24.41 -31.36
C1 NAG J . 10.93 34.22 -11.66
C2 NAG J . 9.80 35.26 -11.59
C3 NAG J . 10.35 36.69 -11.71
C4 NAG J . 11.49 36.91 -10.71
C5 NAG J . 12.56 35.84 -10.90
C6 NAG J . 13.68 35.99 -9.89
C7 NAG J . 7.53 34.68 -12.33
C8 NAG J . 6.63 34.47 -13.51
N2 NAG J . 8.80 35.01 -12.61
O3 NAG J . 9.31 37.61 -11.45
O4 NAG J . 12.06 38.20 -10.90
O5 NAG J . 11.97 34.55 -10.69
O6 NAG J . 14.17 37.31 -9.88
O7 NAG J . 7.14 34.56 -11.16
#